data_5EQF
#
_entry.id   5EQF
#
_cell.length_a   115.565
_cell.length_b   82.691
_cell.length_c   108.567
_cell.angle_alpha   90.000
_cell.angle_beta   112.640
_cell.angle_gamma   90.000
#
_symmetry.space_group_name_H-M   'C 1 2 1'
#
loop_
_entity.id
_entity.type
_entity.pdbx_description
1 polymer 'UDP-galactopyranose mutase'
2 non-polymer "URIDINE-5'-DIPHOSPHATE"
3 non-polymer 'FLAVIN-ADENINE DINUCLEOTIDE'
4 non-polymer 'SULFATE ION'
5 water water
#
_entity_poly.entity_id   1
_entity_poly.type   'polypeptide(L)'
_entity_poly.pdbx_seq_one_letter_code
;GSGMSDFDLIVVGSGLFGLTVAERAASQLGKKVLIVEKRSHLGGNAYSEAEPETGIEIHKYGAHLFHTSNKRVWDYVNQF
TAFTGYQHRVFAMHNGTAYQFPMGLGLINQFFGRYYTPDEARELIKEQSAEIDSKDATNLEEKAISLIGRPLYEAFIRDY
TAKQWQTDPKELPAGNITRLPVRYNFDNRYFNDTYEGLPVDGYAQWLSNMADHENIEVRLDTDWFEVREDLRAQNPEAPV
VYTGPLDRYFDYSEGHLGWRTLDFETEVLNTGDFQGTPVMNYNDAEFPYTRIHEFRHFHPEREDRHPKDKTVIMKEYSRF
AEEGDEPYYPINTPSDREMLFKYRELADAETESGKVYFGGRLGTYQYLDMHMAIASALSMFDNKLVDALK
;
_entity_poly.pdbx_strand_id   A,B
#
# COMPACT_ATOMS: atom_id res chain seq x y z
N SER A 5 26.91 26.60 -35.74
CA SER A 5 26.15 25.41 -35.39
C SER A 5 25.90 25.37 -33.88
N ASP A 6 24.87 26.09 -33.45
CA ASP A 6 24.52 26.27 -32.05
C ASP A 6 24.00 25.00 -31.36
N PHE A 7 23.79 23.92 -32.12
CA PHE A 7 23.20 22.72 -31.51
C PHE A 7 23.84 21.42 -31.98
N ASP A 8 24.33 20.65 -31.03
CA ASP A 8 24.90 19.35 -31.36
C ASP A 8 23.78 18.33 -31.55
N LEU A 9 22.64 18.56 -30.91
CA LEU A 9 21.50 17.64 -30.97
C LEU A 9 20.16 18.35 -30.96
N ILE A 10 19.27 17.89 -31.85
CA ILE A 10 17.88 18.34 -31.92
C ILE A 10 16.91 17.23 -31.57
N VAL A 11 16.05 17.50 -30.60
CA VAL A 11 15.04 16.55 -30.20
C VAL A 11 13.64 17.08 -30.50
N VAL A 12 12.86 16.30 -31.25
CA VAL A 12 11.46 16.63 -31.52
C VAL A 12 10.50 16.03 -30.50
N GLY A 13 9.99 16.85 -29.59
CA GLY A 13 9.01 16.41 -28.62
C GLY A 13 9.58 16.41 -27.22
N SER A 14 8.84 16.96 -26.28
CA SER A 14 9.34 17.07 -24.92
C SER A 14 8.65 16.08 -23.97
N GLY A 15 8.25 14.92 -24.46
CA GLY A 15 7.77 13.86 -23.58
C GLY A 15 8.93 13.24 -22.83
N LEU A 16 8.62 12.26 -21.98
CA LEU A 16 9.63 11.62 -21.16
C LEU A 16 10.75 11.08 -22.02
N PHE A 17 10.41 10.49 -23.16
CA PHE A 17 11.45 9.97 -24.03
C PHE A 17 12.39 11.09 -24.48
N GLY A 18 11.83 12.14 -25.09
CA GLY A 18 12.63 13.26 -25.55
C GLY A 18 13.42 13.96 -24.45
N LEU A 19 12.82 14.10 -23.28
CA LEU A 19 13.52 14.77 -22.17
C LEU A 19 14.69 13.93 -21.68
N THR A 20 14.55 12.60 -21.76
CA THR A 20 15.60 11.72 -21.28
C THR A 20 16.83 11.78 -22.17
N VAL A 21 16.65 11.54 -23.47
CA VAL A 21 17.76 11.67 -24.41
C VAL A 21 18.42 13.06 -24.40
N ALA A 22 17.63 14.13 -24.24
CA ALA A 22 18.20 15.48 -24.23
C ALA A 22 19.01 15.69 -22.96
N GLU A 23 18.47 15.27 -21.82
CA GLU A 23 19.18 15.45 -20.56
C GLU A 23 20.49 14.67 -20.49
N ARG A 24 20.53 13.50 -21.14
CA ARG A 24 21.75 12.69 -21.07
C ARG A 24 22.85 13.30 -21.95
N ALA A 25 22.51 13.68 -23.18
CA ALA A 25 23.45 14.39 -24.04
C ALA A 25 23.95 15.64 -23.35
N ALA A 26 23.06 16.33 -22.68
CA ALA A 26 23.41 17.59 -22.01
C ALA A 26 24.37 17.38 -20.82
N SER A 27 24.08 16.40 -19.98
CA SER A 27 24.86 16.24 -18.76
C SER A 27 25.95 15.20 -18.87
N GLN A 28 25.79 14.23 -19.75
CA GLN A 28 26.81 13.19 -19.87
C GLN A 28 27.84 13.47 -20.95
N LEU A 29 27.43 14.12 -22.05
CA LEU A 29 28.33 14.34 -23.17
C LEU A 29 28.69 15.82 -23.35
N GLY A 30 28.12 16.70 -22.53
CA GLY A 30 28.39 18.12 -22.64
C GLY A 30 27.93 18.76 -23.94
N LYS A 31 26.90 18.19 -24.55
CA LYS A 31 26.39 18.64 -25.85
C LYS A 31 25.23 19.63 -25.72
N LYS A 32 25.18 20.60 -26.64
CA LYS A 32 24.12 21.59 -26.68
C LYS A 32 22.89 20.99 -27.35
N VAL A 33 21.75 20.99 -26.68
CA VAL A 33 20.57 20.34 -27.23
C VAL A 33 19.42 21.32 -27.46
N LEU A 34 18.72 21.13 -28.58
CA LEU A 34 17.49 21.86 -28.81
C LEU A 34 16.32 20.90 -28.80
N ILE A 35 15.32 21.19 -27.97
CA ILE A 35 14.08 20.43 -27.97
C ILE A 35 12.97 21.25 -28.61
N VAL A 36 12.38 20.77 -29.70
CA VAL A 36 11.22 21.43 -30.25
C VAL A 36 9.94 20.75 -29.75
N GLU A 37 9.11 21.53 -29.06
CA GLU A 37 7.81 21.07 -28.58
C GLU A 37 6.69 21.84 -29.29
N LYS A 38 5.71 21.09 -29.79
CA LYS A 38 4.61 21.65 -30.55
C LYS A 38 3.57 22.29 -29.62
N ARG A 39 3.46 21.73 -28.42
CA ARG A 39 2.49 22.19 -27.43
C ARG A 39 3.04 23.39 -26.67
N SER A 40 2.18 23.97 -25.83
CA SER A 40 2.46 25.17 -25.06
C SER A 40 3.19 24.87 -23.77
N HIS A 41 3.45 23.59 -23.53
CA HIS A 41 4.12 23.20 -22.31
C HIS A 41 4.94 21.97 -22.61
N LEU A 42 5.92 21.68 -21.77
CA LEU A 42 6.73 20.50 -21.99
C LEU A 42 6.17 19.32 -21.22
N GLY A 43 6.70 18.13 -21.49
CA GLY A 43 6.38 16.96 -20.70
C GLY A 43 5.47 15.96 -21.36
N GLY A 44 4.92 16.33 -22.50
CA GLY A 44 4.01 15.47 -23.22
C GLY A 44 2.78 15.11 -22.40
N ASN A 45 2.37 13.84 -22.46
CA ASN A 45 1.14 13.45 -21.77
C ASN A 45 1.29 13.29 -20.24
N ALA A 46 2.51 13.27 -19.74
CA ALA A 46 2.74 13.25 -18.29
C ALA A 46 2.56 14.65 -17.65
N TYR A 47 2.33 15.69 -18.45
CA TYR A 47 2.13 17.04 -17.91
C TYR A 47 0.93 17.14 -16.97
N SER A 48 1.10 17.94 -15.92
CA SER A 48 0.03 18.17 -14.95
C SER A 48 0.00 19.63 -14.54
N GLU A 49 -1.14 20.11 -14.07
CA GLU A 49 -1.18 21.47 -13.54
C GLU A 49 -2.28 21.62 -12.50
N ALA A 50 -2.16 22.64 -11.65
CA ALA A 50 -3.15 22.87 -10.58
C ALA A 50 -4.46 23.41 -11.15
N GLU A 51 -5.58 22.87 -10.65
CA GLU A 51 -6.88 23.40 -11.00
C GLU A 51 -7.10 24.71 -10.22
N PRO A 52 -7.48 25.79 -10.93
CA PRO A 52 -7.51 27.15 -10.35
C PRO A 52 -8.36 27.28 -9.10
N GLU A 53 -9.59 26.77 -9.14
CA GLU A 53 -10.52 26.95 -8.05
C GLU A 53 -10.12 26.17 -6.80
N THR A 54 -9.57 24.96 -6.97
CA THR A 54 -9.32 24.10 -5.81
C THR A 54 -7.84 23.94 -5.52
N GLY A 55 -7.02 24.14 -6.54
CA GLY A 55 -5.58 23.98 -6.38
C GLY A 55 -5.13 22.53 -6.46
N ILE A 56 -6.07 21.63 -6.75
CA ILE A 56 -5.79 20.19 -6.86
C ILE A 56 -5.01 19.91 -8.15
N GLU A 57 -3.93 19.12 -8.05
CA GLU A 57 -3.15 18.77 -9.21
C GLU A 57 -3.94 17.91 -10.19
N ILE A 58 -3.97 18.31 -11.45
CA ILE A 58 -4.70 17.56 -12.48
C ILE A 58 -3.72 16.97 -13.47
N HIS A 59 -3.83 15.66 -13.74
CA HIS A 59 -3.09 15.03 -14.82
C HIS A 59 -3.90 15.23 -16.09
N LYS A 60 -3.57 16.25 -16.85
CA LYS A 60 -4.46 16.72 -17.91
C LYS A 60 -4.58 15.82 -19.12
N TYR A 61 -3.77 14.77 -19.19
CA TYR A 61 -3.83 13.89 -20.34
C TYR A 61 -4.23 12.50 -19.92
N GLY A 62 -4.85 12.42 -18.75
CA GLY A 62 -5.32 11.14 -18.24
C GLY A 62 -4.46 10.82 -17.05
N ALA A 63 -5.06 10.17 -16.04
CA ALA A 63 -4.34 9.89 -14.81
C ALA A 63 -3.01 9.27 -15.13
N HIS A 64 -1.96 9.86 -14.61
CA HIS A 64 -0.63 9.31 -14.77
C HIS A 64 -0.06 8.79 -13.43
N LEU A 65 0.24 7.50 -13.39
CA LEU A 65 0.71 6.82 -12.18
C LEU A 65 2.06 6.15 -12.46
N PHE A 66 3.12 6.51 -11.73
CA PHE A 66 4.43 5.98 -12.11
C PHE A 66 4.74 4.64 -11.40
N HIS A 67 5.23 3.68 -12.19
CA HIS A 67 5.58 2.37 -11.67
C HIS A 67 6.67 1.73 -12.51
N THR A 68 7.60 1.04 -11.84
CA THR A 68 8.63 0.28 -12.54
C THR A 68 9.31 -0.78 -11.67
N SER A 69 9.87 -1.79 -12.32
CA SER A 69 10.73 -2.76 -11.63
C SER A 69 12.14 -2.61 -12.15
N ASN A 70 12.32 -1.64 -13.03
CA ASN A 70 13.62 -1.34 -13.61
C ASN A 70 14.43 -0.45 -12.68
N LYS A 71 15.46 -1.02 -12.06
CA LYS A 71 16.24 -0.27 -11.11
C LYS A 71 17.02 0.88 -11.73
N ARG A 72 17.47 0.70 -12.96
CA ARG A 72 18.24 1.77 -13.60
C ARG A 72 17.31 2.99 -13.84
N VAL A 73 16.11 2.73 -14.34
CA VAL A 73 15.10 3.76 -14.53
C VAL A 73 14.71 4.44 -13.21
N TRP A 74 14.53 3.65 -12.15
CA TRP A 74 14.13 4.20 -10.85
C TRP A 74 15.17 5.16 -10.28
N ASP A 75 16.44 4.76 -10.31
CA ASP A 75 17.52 5.57 -9.77
C ASP A 75 17.64 6.86 -10.59
N TYR A 76 17.47 6.71 -11.90
CA TYR A 76 17.53 7.84 -12.81
C TYR A 76 16.44 8.86 -12.51
N VAL A 77 15.17 8.46 -12.49
CA VAL A 77 14.11 9.45 -12.31
C VAL A 77 14.22 10.13 -10.94
N ASN A 78 14.78 9.41 -9.98
CA ASN A 78 14.91 9.94 -8.64
C ASN A 78 15.98 11.02 -8.51
N GLN A 79 16.69 11.27 -9.59
CA GLN A 79 17.59 12.41 -9.63
C GLN A 79 16.81 13.71 -9.83
N PHE A 80 15.61 13.61 -10.39
CA PHE A 80 14.85 14.79 -10.80
C PHE A 80 13.60 15.05 -9.96
N THR A 81 13.15 14.04 -9.23
CA THR A 81 12.01 14.20 -8.35
C THR A 81 12.00 13.07 -7.34
N ALA A 82 11.48 13.35 -6.15
CA ALA A 82 11.17 12.32 -5.19
C ALA A 82 9.76 11.79 -5.47
N PHE A 83 9.47 10.59 -4.96
CA PHE A 83 8.16 9.96 -5.19
C PHE A 83 7.44 9.65 -3.90
N THR A 84 6.11 9.73 -3.89
CA THR A 84 5.33 9.38 -2.70
C THR A 84 5.23 7.86 -2.56
N GLY A 85 4.63 7.39 -1.47
CA GLY A 85 4.48 5.96 -1.26
C GLY A 85 3.17 5.42 -1.80
N TYR A 86 2.46 6.22 -2.61
CA TYR A 86 1.15 5.85 -3.14
C TYR A 86 1.18 4.54 -3.97
N GLN A 87 0.15 3.70 -3.79
CA GLN A 87 -0.03 2.47 -4.59
C GLN A 87 -1.36 2.48 -5.35
N HIS A 88 -1.30 2.36 -6.67
CA HIS A 88 -2.51 2.44 -7.47
C HIS A 88 -3.40 1.22 -7.28
N ARG A 89 -4.68 1.47 -7.02
CA ARG A 89 -5.73 0.47 -7.02
C ARG A 89 -6.89 1.00 -7.84
N VAL A 90 -7.54 0.13 -8.60
CA VAL A 90 -8.64 0.53 -9.47
C VAL A 90 -9.88 -0.25 -9.07
N PHE A 91 -11.05 0.38 -9.06
CA PHE A 91 -12.28 -0.36 -8.87
C PHE A 91 -13.11 -0.35 -10.15
N ALA A 92 -13.90 -1.42 -10.36
CA ALA A 92 -14.64 -1.55 -11.61
C ALA A 92 -16.14 -1.53 -11.40
N MET A 93 -16.78 -0.47 -11.91
CA MET A 93 -18.23 -0.33 -11.75
C MET A 93 -18.97 -1.19 -12.77
N HIS A 94 -19.78 -2.13 -12.27
CA HIS A 94 -20.53 -3.05 -13.12
C HIS A 94 -21.88 -3.35 -12.49
N ASN A 95 -22.93 -3.13 -13.26
CA ASN A 95 -24.32 -3.32 -12.82
C ASN A 95 -24.62 -2.75 -11.45
N GLY A 96 -24.21 -1.50 -11.21
CA GLY A 96 -24.53 -0.82 -9.96
C GLY A 96 -23.67 -1.18 -8.77
N THR A 97 -22.63 -1.97 -8.99
CA THR A 97 -21.70 -2.36 -7.93
C THR A 97 -20.26 -2.04 -8.30
N ALA A 98 -19.51 -1.55 -7.32
CA ALA A 98 -18.08 -1.30 -7.46
C ALA A 98 -17.31 -2.56 -7.11
N TYR A 99 -16.68 -3.17 -8.10
CA TYR A 99 -15.97 -4.42 -7.88
C TYR A 99 -14.50 -4.21 -7.62
N GLN A 100 -13.99 -4.95 -6.64
CA GLN A 100 -12.55 -5.13 -6.51
C GLN A 100 -12.04 -5.62 -7.86
N PHE A 101 -10.85 -5.17 -8.22
CA PHE A 101 -10.32 -5.32 -9.56
C PHE A 101 -8.82 -5.12 -9.51
N PRO A 102 -8.05 -5.73 -10.41
CA PRO A 102 -8.29 -6.71 -11.47
C PRO A 102 -8.52 -8.11 -10.85
N MET A 103 -8.40 -9.19 -11.60
CA MET A 103 -8.82 -10.47 -11.03
C MET A 103 -8.01 -10.86 -9.77
N GLY A 104 -8.75 -11.14 -8.71
CA GLY A 104 -8.20 -11.63 -7.45
C GLY A 104 -9.34 -12.33 -6.74
N LEU A 105 -9.10 -12.78 -5.50
CA LEU A 105 -10.13 -13.49 -4.76
C LEU A 105 -11.29 -12.55 -4.41
N GLY A 106 -11.00 -11.26 -4.37
CA GLY A 106 -12.00 -10.27 -4.05
C GLY A 106 -13.02 -10.13 -5.14
N LEU A 107 -12.54 -10.02 -6.37
CA LEU A 107 -13.44 -9.94 -7.53
C LEU A 107 -14.22 -11.24 -7.69
N ILE A 108 -13.51 -12.36 -7.54
CA ILE A 108 -14.18 -13.66 -7.70
C ILE A 108 -15.29 -13.83 -6.66
N ASN A 109 -15.03 -13.48 -5.40
CA ASN A 109 -16.07 -13.56 -4.37
C ASN A 109 -17.27 -12.68 -4.69
N GLN A 110 -17.01 -11.43 -5.06
CA GLN A 110 -18.07 -10.47 -5.31
C GLN A 110 -18.90 -10.83 -6.53
N PHE A 111 -18.22 -11.27 -7.59
CA PHE A 111 -18.92 -11.56 -8.82
C PHE A 111 -19.58 -12.95 -8.75
N PHE A 112 -18.95 -13.93 -8.12
CA PHE A 112 -19.58 -15.27 -8.15
C PHE A 112 -20.41 -15.57 -6.89
N GLY A 113 -20.35 -14.70 -5.89
CA GLY A 113 -21.34 -14.76 -4.83
C GLY A 113 -20.95 -15.40 -3.54
N ARG A 114 -19.81 -16.08 -3.52
CA ARG A 114 -19.29 -16.66 -2.30
C ARG A 114 -17.79 -16.66 -2.38
N TYR A 115 -17.18 -16.89 -1.24
CA TYR A 115 -15.74 -16.97 -1.16
C TYR A 115 -15.19 -18.20 -1.85
N TYR A 116 -14.26 -17.96 -2.77
CA TYR A 116 -13.43 -19.03 -3.30
C TYR A 116 -12.02 -18.90 -2.77
N THR A 117 -11.58 -20.03 -2.25
CA THR A 117 -10.23 -20.30 -1.84
C THR A 117 -9.26 -20.15 -3.03
N PRO A 118 -7.96 -19.91 -2.76
CA PRO A 118 -7.03 -19.84 -3.89
C PRO A 118 -7.10 -21.10 -4.78
N ASP A 119 -6.98 -22.28 -4.19
CA ASP A 119 -7.13 -23.53 -4.93
C ASP A 119 -8.48 -23.68 -5.66
N GLU A 120 -9.57 -23.34 -4.99
CA GLU A 120 -10.90 -23.38 -5.60
C GLU A 120 -11.02 -22.40 -6.75
N ALA A 121 -10.47 -21.21 -6.53
CA ALA A 121 -10.52 -20.16 -7.55
C ALA A 121 -9.71 -20.59 -8.74
N ARG A 122 -8.55 -21.20 -8.50
CA ARG A 122 -7.76 -21.72 -9.61
C ARG A 122 -8.57 -22.71 -10.42
N GLU A 123 -9.27 -23.61 -9.75
CA GLU A 123 -10.08 -24.62 -10.41
C GLU A 123 -11.28 -24.01 -11.13
N LEU A 124 -11.98 -23.08 -10.47
CA LEU A 124 -13.10 -22.38 -11.09
C LEU A 124 -12.66 -21.64 -12.37
N ILE A 125 -11.54 -20.93 -12.34
CA ILE A 125 -11.11 -20.17 -13.51
C ILE A 125 -10.53 -21.12 -14.58
N LYS A 126 -9.94 -22.23 -14.14
CA LYS A 126 -9.42 -23.25 -15.07
C LYS A 126 -10.55 -23.80 -15.93
N GLU A 127 -11.71 -23.95 -15.33
CA GLU A 127 -12.88 -24.44 -16.04
C GLU A 127 -13.35 -23.41 -17.07
N GLN A 128 -13.53 -22.17 -16.60
CA GLN A 128 -14.09 -21.09 -17.43
C GLN A 128 -13.15 -20.63 -18.54
N SER A 129 -11.89 -21.06 -18.47
CA SER A 129 -10.91 -20.67 -19.47
C SER A 129 -10.55 -21.84 -20.39
N ALA A 130 -11.29 -22.93 -20.26
CA ALA A 130 -10.92 -24.18 -20.93
C ALA A 130 -10.97 -24.08 -22.45
N GLU A 131 -11.81 -23.17 -22.98
CA GLU A 131 -11.97 -23.07 -24.43
C GLU A 131 -10.70 -22.66 -25.18
N ILE A 132 -9.75 -22.05 -24.48
CA ILE A 132 -8.49 -21.68 -25.13
C ILE A 132 -7.32 -21.72 -24.15
N ASP A 133 -6.19 -22.28 -24.60
CA ASP A 133 -4.97 -22.26 -23.78
C ASP A 133 -4.22 -20.94 -23.98
N SER A 134 -3.58 -20.43 -22.92
CA SER A 134 -2.86 -19.15 -23.01
C SER A 134 -1.74 -19.21 -24.04
N LYS A 135 -1.24 -20.42 -24.28
CA LYS A 135 -0.17 -20.67 -25.22
C LYS A 135 -0.62 -20.42 -26.65
N ASP A 136 -1.92 -20.56 -26.91
CA ASP A 136 -2.46 -20.43 -28.27
C ASP A 136 -3.25 -19.13 -28.50
N ALA A 137 -3.29 -18.30 -27.47
CA ALA A 137 -4.09 -17.09 -27.53
C ALA A 137 -3.29 -15.99 -28.23
N THR A 138 -3.84 -15.51 -29.34
CA THR A 138 -3.12 -14.60 -30.23
C THR A 138 -3.76 -13.20 -30.38
N ASN A 139 -4.87 -12.96 -29.68
CA ASN A 139 -5.47 -11.61 -29.68
C ASN A 139 -5.99 -11.32 -28.29
N LEU A 140 -6.55 -10.13 -28.09
CA LEU A 140 -7.02 -9.69 -26.77
C LEU A 140 -8.11 -10.60 -26.22
N GLU A 141 -9.11 -10.91 -27.02
CA GLU A 141 -10.24 -11.70 -26.52
C GLU A 141 -9.79 -13.07 -26.07
N GLU A 142 -9.05 -13.77 -26.92
CA GLU A 142 -8.53 -15.07 -26.59
C GLU A 142 -7.63 -15.02 -25.36
N LYS A 143 -6.75 -14.02 -25.27
CA LYS A 143 -5.83 -13.94 -24.14
C LYS A 143 -6.60 -13.67 -22.83
N ALA A 144 -7.51 -12.71 -22.87
CA ALA A 144 -8.32 -12.41 -21.67
C ALA A 144 -9.09 -13.66 -21.19
N ILE A 145 -9.82 -14.31 -22.10
CA ILE A 145 -10.57 -15.49 -21.71
C ILE A 145 -9.64 -16.57 -21.15
N SER A 146 -8.50 -16.82 -21.80
CA SER A 146 -7.54 -17.80 -21.29
C SER A 146 -7.03 -17.50 -19.88
N LEU A 147 -6.99 -16.23 -19.51
CA LEU A 147 -6.47 -15.81 -18.22
C LEU A 147 -7.51 -15.65 -17.12
N ILE A 148 -8.71 -15.18 -17.45
CA ILE A 148 -9.68 -14.92 -16.39
C ILE A 148 -11.02 -15.55 -16.61
N GLY A 149 -11.14 -16.26 -17.73
CA GLY A 149 -12.35 -17.01 -18.05
C GLY A 149 -13.40 -16.19 -18.75
N ARG A 150 -14.32 -16.87 -19.40
CA ARG A 150 -15.39 -16.24 -20.17
C ARG A 150 -16.29 -15.32 -19.35
N PRO A 151 -16.80 -15.78 -18.19
CA PRO A 151 -17.73 -14.87 -17.51
C PRO A 151 -17.12 -13.52 -17.06
N LEU A 152 -15.89 -13.52 -16.53
CA LEU A 152 -15.26 -12.25 -16.12
C LEU A 152 -14.91 -11.38 -17.32
N TYR A 153 -14.56 -12.04 -18.41
CA TYR A 153 -14.27 -11.35 -19.66
C TYR A 153 -15.46 -10.59 -20.15
N GLU A 154 -16.60 -11.27 -20.20
CA GLU A 154 -17.80 -10.66 -20.76
C GLU A 154 -18.39 -9.57 -19.87
N ALA A 155 -18.11 -9.64 -18.58
CA ALA A 155 -18.64 -8.66 -17.64
C ALA A 155 -17.71 -7.46 -17.44
N PHE A 156 -16.39 -7.66 -17.58
CA PHE A 156 -15.46 -6.60 -17.23
C PHE A 156 -14.49 -6.20 -18.33
N ILE A 157 -14.37 -7.02 -19.36
CA ILE A 157 -13.42 -6.67 -20.43
C ILE A 157 -14.11 -6.26 -21.75
N ARG A 158 -15.09 -7.05 -22.19
N ARG A 158 -15.09 -7.06 -22.21
CA ARG A 158 -15.68 -6.85 -23.52
CA ARG A 158 -15.68 -6.86 -23.53
C ARG A 158 -16.16 -5.41 -23.76
C ARG A 158 -16.20 -5.43 -23.79
N ASP A 159 -17.12 -4.95 -22.96
CA ASP A 159 -17.69 -3.60 -23.15
C ASP A 159 -16.71 -2.47 -22.91
N TYR A 160 -15.86 -2.59 -21.90
CA TYR A 160 -14.85 -1.54 -21.65
C TYR A 160 -13.98 -1.42 -22.89
N THR A 161 -13.47 -2.56 -23.35
CA THR A 161 -12.62 -2.66 -24.53
C THR A 161 -13.31 -2.08 -25.75
N ALA A 162 -14.61 -2.36 -25.88
CA ALA A 162 -15.38 -1.82 -26.99
C ALA A 162 -15.33 -0.29 -26.98
N LYS A 163 -15.56 0.32 -25.82
CA LYS A 163 -15.53 1.76 -25.69
C LYS A 163 -14.16 2.34 -25.96
N GLN A 164 -13.15 1.67 -25.44
CA GLN A 164 -11.79 2.19 -25.47
C GLN A 164 -11.13 2.03 -26.83
N TRP A 165 -11.46 0.97 -27.57
CA TRP A 165 -10.79 0.71 -28.84
C TRP A 165 -11.73 0.76 -30.04
N GLN A 166 -13.02 0.52 -29.80
CA GLN A 166 -13.99 0.41 -30.88
C GLN A 166 -13.51 -0.50 -32.02
N THR A 167 -12.89 -1.61 -31.63
CA THR A 167 -12.25 -2.51 -32.57
C THR A 167 -12.49 -3.94 -32.09
N ASP A 168 -12.84 -4.82 -33.02
CA ASP A 168 -13.00 -6.25 -32.77
C ASP A 168 -11.85 -6.78 -31.90
N PRO A 169 -12.16 -7.22 -30.68
CA PRO A 169 -11.12 -7.69 -29.75
C PRO A 169 -10.31 -8.87 -30.29
N LYS A 170 -10.82 -9.50 -31.34
CA LYS A 170 -10.12 -10.60 -31.98
C LYS A 170 -9.03 -10.01 -32.88
N GLU A 171 -9.01 -8.69 -33.01
CA GLU A 171 -7.97 -8.04 -33.81
C GLU A 171 -7.06 -7.16 -32.97
N LEU A 172 -7.35 -7.05 -31.69
CA LEU A 172 -6.51 -6.28 -30.78
C LEU A 172 -5.36 -7.13 -30.25
N PRO A 173 -4.23 -6.51 -29.87
CA PRO A 173 -3.09 -7.28 -29.37
C PRO A 173 -3.37 -7.98 -28.04
N ALA A 174 -2.89 -9.21 -27.92
CA ALA A 174 -2.98 -9.94 -26.67
C ALA A 174 -2.31 -9.18 -25.52
N GLY A 175 -1.24 -8.47 -25.84
CA GLY A 175 -0.49 -7.71 -24.85
C GLY A 175 -1.25 -6.62 -24.13
N ASN A 176 -2.35 -6.16 -24.71
CA ASN A 176 -3.17 -5.15 -24.04
C ASN A 176 -3.75 -5.65 -22.73
N ILE A 177 -4.21 -6.90 -22.71
CA ILE A 177 -4.84 -7.41 -21.50
C ILE A 177 -3.79 -7.93 -20.49
N THR A 178 -2.63 -8.37 -20.98
CA THR A 178 -1.63 -8.87 -20.06
C THR A 178 -0.95 -7.75 -19.26
N ARG A 179 -1.23 -6.49 -19.60
CA ARG A 179 -0.81 -5.35 -18.78
C ARG A 179 -1.32 -5.49 -17.35
N LEU A 180 -2.48 -6.14 -17.21
CA LEU A 180 -3.16 -6.29 -15.94
C LEU A 180 -2.70 -7.56 -15.23
N PRO A 181 -2.35 -7.45 -13.93
CA PRO A 181 -2.02 -8.62 -13.12
C PRO A 181 -3.22 -9.57 -13.05
N VAL A 182 -2.93 -10.86 -13.07
CA VAL A 182 -3.93 -11.92 -12.89
C VAL A 182 -3.59 -12.70 -11.64
N ARG A 183 -4.39 -12.58 -10.59
CA ARG A 183 -3.97 -13.12 -9.28
C ARG A 183 -5.00 -14.06 -8.64
N TYR A 184 -4.50 -14.95 -7.78
CA TYR A 184 -5.34 -15.90 -7.04
C TYR A 184 -5.20 -15.67 -5.53
N ASN A 185 -5.08 -14.41 -5.16
CA ASN A 185 -5.02 -14.02 -3.75
C ASN A 185 -5.82 -12.73 -3.59
N PHE A 186 -5.74 -12.07 -2.45
CA PHE A 186 -6.55 -10.86 -2.24
C PHE A 186 -5.82 -9.56 -2.58
N ASP A 187 -4.64 -9.64 -3.16
CA ASP A 187 -3.88 -8.43 -3.52
C ASP A 187 -4.55 -7.72 -4.70
N ASN A 188 -5.02 -6.49 -4.49
CA ASN A 188 -5.68 -5.75 -5.58
C ASN A 188 -4.91 -4.51 -6.03
N ARG A 189 -3.58 -4.57 -5.98
CA ARG A 189 -2.77 -3.53 -6.59
C ARG A 189 -2.87 -3.63 -8.11
N TYR A 190 -3.04 -2.49 -8.79
CA TYR A 190 -3.27 -2.51 -10.23
C TYR A 190 -1.98 -2.79 -10.98
N PHE A 191 -0.84 -2.49 -10.36
CA PHE A 191 0.45 -2.82 -10.94
C PHE A 191 1.12 -3.88 -10.06
N ASN A 192 2.10 -4.59 -10.60
CA ASN A 192 2.90 -5.46 -9.74
C ASN A 192 4.37 -5.16 -9.97
N ASP A 193 4.75 -3.92 -9.72
CA ASP A 193 6.13 -3.55 -9.88
C ASP A 193 6.78 -3.31 -8.54
N THR A 194 8.10 -3.37 -8.54
CA THR A 194 8.91 -3.13 -7.35
C THR A 194 8.77 -1.67 -6.83
N TYR A 195 8.80 -0.69 -7.74
CA TYR A 195 8.75 0.73 -7.37
C TYR A 195 7.52 1.41 -7.92
N GLU A 196 6.86 2.27 -7.13
CA GLU A 196 5.79 3.08 -7.63
C GLU A 196 5.45 4.24 -6.71
N GLY A 197 4.83 5.26 -7.29
CA GLY A 197 4.42 6.42 -6.53
C GLY A 197 4.13 7.60 -7.44
N LEU A 198 3.91 8.75 -6.82
CA LEU A 198 3.66 9.98 -7.54
C LEU A 198 4.76 10.99 -7.25
N PRO A 199 5.12 11.79 -8.28
CA PRO A 199 6.09 12.87 -8.09
C PRO A 199 5.62 13.69 -6.91
N VAL A 200 6.44 13.81 -5.88
CA VAL A 200 6.07 14.55 -4.66
C VAL A 200 5.61 15.97 -4.96
N ASP A 201 6.32 16.67 -5.84
CA ASP A 201 5.96 18.05 -6.20
C ASP A 201 5.20 18.13 -7.51
N GLY A 202 4.62 17.01 -7.93
CA GLY A 202 3.88 16.99 -9.17
C GLY A 202 4.73 16.73 -10.39
N TYR A 203 4.05 16.31 -11.46
CA TYR A 203 4.70 15.96 -12.73
C TYR A 203 5.38 17.16 -13.41
N ALA A 204 4.72 18.31 -13.42
CA ALA A 204 5.27 19.51 -14.07
C ALA A 204 6.65 19.84 -13.52
N GLN A 205 6.79 19.84 -12.20
CA GLN A 205 8.08 20.11 -11.57
C GLN A 205 9.14 19.08 -12.00
N TRP A 206 8.77 17.81 -11.99
CA TRP A 206 9.67 16.75 -12.40
C TRP A 206 10.18 17.00 -13.82
N LEU A 207 9.26 17.19 -14.74
CA LEU A 207 9.61 17.32 -16.14
C LEU A 207 10.45 18.59 -16.37
N SER A 208 10.18 19.64 -15.60
CA SER A 208 10.96 20.89 -15.72
C SER A 208 12.38 20.71 -15.26
N ASN A 209 12.55 19.98 -14.15
CA ASN A 209 13.87 19.65 -13.66
C ASN A 209 14.69 18.92 -14.72
N MET A 210 14.03 18.05 -15.49
CA MET A 210 14.77 17.29 -16.49
C MET A 210 15.31 18.19 -17.57
N ALA A 211 14.49 19.16 -17.96
CA ALA A 211 14.84 20.07 -19.05
C ALA A 211 15.71 21.22 -18.56
N ASP A 212 15.84 21.36 -17.23
CA ASP A 212 16.61 22.46 -16.65
C ASP A 212 18.13 22.26 -16.69
N HIS A 213 18.74 22.53 -17.83
CA HIS A 213 20.18 22.41 -17.93
C HIS A 213 20.69 23.51 -18.85
N GLU A 214 21.88 24.04 -18.59
CA GLU A 214 22.34 25.20 -19.37
C GLU A 214 22.63 24.83 -20.82
N ASN A 215 22.81 23.53 -21.10
CA ASN A 215 23.05 23.05 -22.45
C ASN A 215 21.77 22.76 -23.20
N ILE A 216 20.64 23.01 -22.54
CA ILE A 216 19.36 22.69 -23.14
C ILE A 216 18.54 23.95 -23.38
N GLU A 217 18.04 24.11 -24.60
CA GLU A 217 17.04 25.12 -24.88
C GLU A 217 15.76 24.47 -25.37
N VAL A 218 14.64 24.88 -24.79
CA VAL A 218 13.34 24.36 -25.20
C VAL A 218 12.61 25.44 -26.00
N ARG A 219 12.12 25.06 -27.19
CA ARG A 219 11.22 25.90 -27.95
C ARG A 219 9.81 25.31 -28.01
N LEU A 220 8.93 25.79 -27.14
CA LEU A 220 7.51 25.45 -27.18
C LEU A 220 6.80 26.05 -28.41
N ASP A 221 5.53 25.69 -28.59
CA ASP A 221 4.68 26.24 -29.64
C ASP A 221 5.34 26.14 -30.99
N THR A 222 6.17 25.12 -31.17
CA THR A 222 6.93 24.97 -32.39
C THR A 222 6.78 23.59 -33.01
N ASP A 223 6.27 23.58 -34.23
CA ASP A 223 6.05 22.36 -34.97
C ASP A 223 7.25 22.03 -35.83
N TRP A 224 7.90 20.91 -35.52
CA TRP A 224 9.10 20.47 -36.22
C TRP A 224 8.98 20.54 -37.74
N PHE A 225 7.87 20.08 -38.30
CA PHE A 225 7.69 20.04 -39.74
C PHE A 225 7.65 21.45 -40.40
N GLU A 226 7.42 22.47 -39.59
CA GLU A 226 7.39 23.85 -40.09
C GLU A 226 8.78 24.50 -40.00
N VAL A 227 9.51 24.21 -38.92
CA VAL A 227 10.83 24.82 -38.70
C VAL A 227 11.94 23.92 -39.22
N ARG A 228 11.58 22.78 -39.78
CA ARG A 228 12.54 21.72 -40.08
C ARG A 228 13.62 22.12 -41.08
N GLU A 229 13.24 22.73 -42.19
CA GLU A 229 14.21 23.07 -43.22
C GLU A 229 15.24 24.09 -42.72
N ASP A 230 14.81 24.99 -41.85
CA ASP A 230 15.71 26.03 -41.40
C ASP A 230 16.63 25.49 -40.32
N LEU A 231 16.05 24.73 -39.39
CA LEU A 231 16.83 24.21 -38.29
C LEU A 231 17.91 23.29 -38.81
N ARG A 232 17.61 22.55 -39.88
CA ARG A 232 18.57 21.62 -40.45
C ARG A 232 19.49 22.30 -41.49
N ALA A 233 19.30 23.60 -41.69
CA ALA A 233 20.31 24.41 -42.38
C ALA A 233 21.35 25.00 -41.40
N GLN A 234 20.89 25.54 -40.27
CA GLN A 234 21.75 26.16 -39.24
C GLN A 234 22.65 25.23 -38.39
N ASN A 235 22.37 23.93 -38.40
CA ASN A 235 23.10 22.91 -37.63
C ASN A 235 23.04 21.64 -38.45
N PRO A 236 23.69 21.62 -39.62
CA PRO A 236 23.57 20.46 -40.50
C PRO A 236 24.25 19.21 -39.97
N GLU A 237 25.01 19.38 -38.90
CA GLU A 237 25.74 18.30 -38.24
C GLU A 237 24.90 17.46 -37.27
N ALA A 238 23.85 18.07 -36.72
CA ALA A 238 23.17 17.50 -35.58
C ALA A 238 22.23 16.38 -35.96
N PRO A 239 22.35 15.24 -35.25
CA PRO A 239 21.33 14.20 -35.39
C PRO A 239 20.01 14.69 -34.81
N VAL A 240 18.92 14.10 -35.29
CA VAL A 240 17.60 14.43 -34.80
C VAL A 240 16.95 13.19 -34.15
N VAL A 241 16.44 13.36 -32.93
CA VAL A 241 15.61 12.34 -32.33
C VAL A 241 14.15 12.76 -32.42
N TYR A 242 13.38 12.02 -33.22
CA TYR A 242 11.96 12.30 -33.44
C TYR A 242 11.02 11.45 -32.57
N THR A 243 10.22 12.09 -31.70
CA THR A 243 9.27 11.32 -30.88
C THR A 243 7.80 11.63 -31.17
N GLY A 244 7.52 12.22 -32.36
CA GLY A 244 6.17 12.47 -32.85
C GLY A 244 5.59 11.23 -33.55
N PRO A 245 4.37 11.34 -34.11
CA PRO A 245 3.76 10.18 -34.77
C PRO A 245 4.55 9.65 -35.97
N LEU A 246 4.79 8.34 -35.98
CA LEU A 246 5.60 7.69 -37.02
C LEU A 246 5.04 7.90 -38.44
N ASP A 247 3.77 7.57 -38.64
CA ASP A 247 3.16 7.67 -39.96
C ASP A 247 3.03 9.13 -40.47
N ARG A 248 2.88 10.10 -39.57
CA ARG A 248 2.83 11.49 -39.98
C ARG A 248 4.19 11.96 -40.47
N TYR A 249 5.25 11.35 -39.94
CA TYR A 249 6.60 11.75 -40.32
C TYR A 249 6.83 11.57 -41.81
N PHE A 250 6.29 10.49 -42.36
CA PHE A 250 6.45 10.16 -43.77
C PHE A 250 5.21 10.54 -44.55
N ASP A 251 4.48 11.52 -44.05
CA ASP A 251 3.31 12.05 -44.74
C ASP A 251 2.33 10.95 -45.18
N TYR A 252 2.21 9.91 -44.34
CA TYR A 252 1.26 8.82 -44.57
C TYR A 252 1.42 8.10 -45.91
N SER A 253 2.68 7.97 -46.35
CA SER A 253 3.05 7.29 -47.61
C SER A 253 2.53 5.87 -47.70
N GLU A 254 2.49 5.22 -46.55
CA GLU A 254 2.09 3.84 -46.51
C GLU A 254 0.68 3.70 -45.94
N GLY A 255 0.01 4.82 -45.73
CA GLY A 255 -1.35 4.76 -45.25
C GLY A 255 -1.44 5.27 -43.84
N HIS A 256 -2.64 5.23 -43.26
CA HIS A 256 -2.83 5.68 -41.88
C HIS A 256 -2.84 4.52 -40.90
N LEU A 257 -1.93 4.60 -39.93
CA LEU A 257 -1.92 3.68 -38.79
C LEU A 257 -3.13 3.98 -37.92
N GLY A 258 -3.76 2.95 -37.34
CA GLY A 258 -4.89 3.19 -36.47
C GLY A 258 -4.44 3.76 -35.14
N TRP A 259 -5.02 4.89 -34.74
CA TRP A 259 -4.69 5.46 -33.43
C TRP A 259 -5.96 5.75 -32.68
N ARG A 260 -5.90 5.73 -31.34
CA ARG A 260 -7.00 6.23 -30.51
C ARG A 260 -6.62 7.59 -29.89
N THR A 261 -7.60 8.47 -29.68
CA THR A 261 -7.36 9.72 -28.97
C THR A 261 -8.34 9.83 -27.82
N LEU A 262 -8.08 10.71 -26.86
CA LEU A 262 -8.97 10.89 -25.73
C LEU A 262 -9.53 12.32 -25.63
N ASP A 263 -10.75 12.43 -25.11
CA ASP A 263 -11.35 13.72 -24.75
C ASP A 263 -11.74 13.66 -23.27
N PHE A 264 -11.64 14.79 -22.58
CA PHE A 264 -11.92 14.87 -21.14
C PHE A 264 -12.91 15.94 -20.74
N GLU A 265 -13.90 15.56 -19.92
CA GLU A 265 -14.77 16.56 -19.27
C GLU A 265 -14.32 16.70 -17.84
N THR A 266 -13.84 17.89 -17.49
CA THR A 266 -13.37 18.15 -16.14
C THR A 266 -14.41 18.97 -15.39
N GLU A 267 -14.74 18.57 -14.17
CA GLU A 267 -15.83 19.22 -13.45
C GLU A 267 -15.44 19.45 -12.00
N VAL A 268 -15.63 20.67 -11.50
CA VAL A 268 -15.45 20.91 -10.08
C VAL A 268 -16.80 20.71 -9.37
N LEU A 269 -16.84 19.77 -8.42
CA LEU A 269 -18.07 19.40 -7.72
C LEU A 269 -18.05 19.98 -6.32
N ASN A 270 -19.25 20.32 -5.82
CA ASN A 270 -19.40 20.87 -4.49
C ASN A 270 -19.52 19.81 -3.41
N THR A 271 -18.61 18.87 -3.43
CA THR A 271 -18.49 17.88 -2.37
C THR A 271 -17.02 17.53 -2.22
N GLY A 272 -16.62 17.21 -0.98
CA GLY A 272 -15.24 16.86 -0.66
C GLY A 272 -14.77 15.53 -1.23
N ASP A 273 -15.71 14.70 -1.65
CA ASP A 273 -15.36 13.38 -2.14
C ASP A 273 -16.46 12.81 -3.03
N PHE A 274 -16.12 12.59 -4.30
CA PHE A 274 -17.09 12.07 -5.27
C PHE A 274 -17.18 10.53 -5.32
N GLN A 275 -16.07 9.81 -5.20
CA GLN A 275 -16.15 8.35 -5.40
C GLN A 275 -15.26 7.53 -4.46
N GLY A 276 -14.55 8.21 -3.55
CA GLY A 276 -13.77 7.57 -2.50
C GLY A 276 -12.55 6.80 -2.97
N THR A 277 -12.09 7.08 -4.19
CA THR A 277 -10.96 6.39 -4.79
C THR A 277 -10.49 7.16 -6.04
N PRO A 278 -9.19 7.08 -6.41
CA PRO A 278 -8.72 7.92 -7.53
C PRO A 278 -9.32 7.53 -8.89
N VAL A 279 -9.49 6.25 -9.17
CA VAL A 279 -10.03 5.85 -10.47
C VAL A 279 -11.14 4.79 -10.35
N MET A 280 -12.30 5.13 -10.91
CA MET A 280 -13.40 4.21 -11.01
C MET A 280 -13.60 3.89 -12.48
N ASN A 281 -13.40 2.64 -12.87
CA ASN A 281 -13.68 2.20 -14.23
C ASN A 281 -15.17 2.02 -14.42
N TYR A 282 -15.68 2.37 -15.59
CA TYR A 282 -17.09 2.14 -15.93
C TYR A 282 -17.16 1.12 -17.04
N ASN A 283 -17.34 -0.13 -16.63
CA ASN A 283 -17.24 -1.28 -17.50
C ASN A 283 -18.50 -1.54 -18.31
N ASP A 284 -19.56 -0.75 -18.07
CA ASP A 284 -20.81 -1.01 -18.76
C ASP A 284 -20.96 -0.07 -19.95
N ALA A 285 -21.52 -0.62 -21.02
CA ALA A 285 -21.68 0.12 -22.27
C ALA A 285 -22.57 1.34 -22.09
N GLU A 286 -23.51 1.26 -21.14
CA GLU A 286 -24.46 2.34 -20.86
C GLU A 286 -23.82 3.67 -20.43
N PHE A 287 -22.56 3.62 -20.01
CA PHE A 287 -21.82 4.84 -19.68
C PHE A 287 -20.89 5.17 -20.83
N PRO A 288 -20.95 6.40 -21.36
CA PRO A 288 -20.17 6.74 -22.56
C PRO A 288 -18.70 6.85 -22.25
N TYR A 289 -18.34 7.16 -21.00
CA TYR A 289 -16.93 7.31 -20.65
C TYR A 289 -16.36 5.99 -20.14
N THR A 290 -15.05 5.81 -20.25
CA THR A 290 -14.42 4.56 -19.85
C THR A 290 -14.15 4.55 -18.36
N ARG A 291 -13.82 5.72 -17.81
CA ARG A 291 -13.48 5.82 -16.39
C ARG A 291 -13.60 7.27 -15.89
N ILE A 292 -13.62 7.43 -14.58
CA ILE A 292 -13.65 8.74 -13.94
C ILE A 292 -12.48 8.85 -12.98
N HIS A 293 -11.71 9.93 -13.12
CA HIS A 293 -10.58 10.22 -12.25
C HIS A 293 -10.99 11.21 -11.17
N GLU A 294 -10.59 10.99 -9.93
CA GLU A 294 -10.79 12.01 -8.90
C GLU A 294 -9.44 12.35 -8.28
N PHE A 295 -8.85 13.47 -8.72
CA PHE A 295 -7.41 13.66 -8.56
C PHE A 295 -6.93 13.88 -7.13
N ARG A 296 -7.78 14.43 -6.27
CA ARG A 296 -7.35 14.64 -4.89
C ARG A 296 -6.92 13.33 -4.20
N HIS A 297 -7.47 12.17 -4.59
CA HIS A 297 -7.14 10.90 -3.89
C HIS A 297 -5.79 10.35 -4.35
N PHE A 298 -5.18 10.99 -5.35
CA PHE A 298 -3.83 10.59 -5.75
C PHE A 298 -2.81 11.16 -4.78
N HIS A 299 -3.21 12.18 -4.02
CA HIS A 299 -2.26 12.83 -3.13
C HIS A 299 -2.85 13.05 -1.74
N PRO A 300 -3.10 11.94 -1.03
CA PRO A 300 -3.66 12.08 0.33
C PRO A 300 -2.67 12.74 1.29
N GLU A 301 -1.39 12.77 0.92
CA GLU A 301 -0.39 13.42 1.74
C GLU A 301 -0.54 14.95 1.62
N ARG A 302 -1.36 15.43 0.69
CA ARG A 302 -1.65 16.88 0.57
C ARG A 302 -3.02 17.26 1.12
N GLU A 303 -3.59 16.37 1.92
CA GLU A 303 -4.90 16.54 2.54
C GLU A 303 -5.12 17.95 3.12
N ASP A 304 -4.12 18.48 3.81
CA ASP A 304 -4.25 19.76 4.49
C ASP A 304 -4.39 20.93 3.52
N ARG A 305 -3.96 20.72 2.27
N ARG A 305 -4.00 20.73 2.26
CA ARG A 305 -4.05 21.73 1.22
CA ARG A 305 -4.11 21.80 1.30
C ARG A 305 -5.25 21.55 0.30
C ARG A 305 -5.34 21.63 0.40
N HIS A 306 -5.99 20.47 0.51
CA HIS A 306 -7.19 20.22 -0.29
C HIS A 306 -8.44 20.90 0.28
N PRO A 307 -9.37 21.32 -0.61
CA PRO A 307 -10.60 21.93 -0.10
C PRO A 307 -11.43 20.90 0.64
N LYS A 308 -12.16 21.33 1.66
CA LYS A 308 -12.88 20.41 2.50
C LYS A 308 -14.20 19.95 1.85
N ASP A 309 -14.75 20.79 0.98
CA ASP A 309 -16.07 20.52 0.42
C ASP A 309 -16.12 20.63 -1.09
N LYS A 310 -14.97 20.51 -1.74
CA LYS A 310 -14.94 20.54 -3.20
C LYS A 310 -14.00 19.48 -3.71
N THR A 311 -14.24 19.02 -4.93
CA THR A 311 -13.31 18.05 -5.53
C THR A 311 -13.36 18.19 -7.04
N VAL A 312 -12.26 17.88 -7.72
CA VAL A 312 -12.26 17.90 -9.19
C VAL A 312 -12.26 16.52 -9.78
N ILE A 313 -13.24 16.24 -10.64
CA ILE A 313 -13.25 14.95 -11.34
C ILE A 313 -13.07 15.14 -12.84
N MET A 314 -12.74 14.05 -13.52
CA MET A 314 -12.53 14.11 -14.95
C MET A 314 -13.06 12.82 -15.56
N LYS A 315 -13.97 12.96 -16.53
CA LYS A 315 -14.51 11.80 -17.25
C LYS A 315 -13.71 11.63 -18.54
N GLU A 316 -13.36 10.39 -18.86
CA GLU A 316 -12.49 10.10 -19.97
C GLU A 316 -13.25 9.41 -21.10
N TYR A 317 -13.14 9.96 -22.31
CA TYR A 317 -13.85 9.46 -23.49
C TYR A 317 -12.83 9.05 -24.57
N SER A 318 -13.13 7.99 -25.30
CA SER A 318 -12.21 7.49 -26.32
C SER A 318 -12.80 7.52 -27.72
N ARG A 319 -11.98 7.89 -28.71
CA ARG A 319 -12.44 7.79 -30.10
C ARG A 319 -11.24 7.63 -31.00
N PHE A 320 -11.51 7.41 -32.29
CA PHE A 320 -10.46 7.34 -33.29
C PHE A 320 -9.77 8.67 -33.50
N ALA A 321 -8.46 8.63 -33.73
CA ALA A 321 -7.70 9.83 -34.02
C ALA A 321 -7.97 10.25 -35.46
N GLU A 322 -8.40 11.49 -35.62
CA GLU A 322 -8.59 12.07 -36.96
C GLU A 322 -7.56 13.16 -37.17
N GLU A 323 -7.51 13.75 -38.36
CA GLU A 323 -6.43 14.67 -38.73
C GLU A 323 -6.11 15.78 -37.74
N GLY A 324 -7.11 16.34 -37.06
CA GLY A 324 -6.80 17.41 -36.14
C GLY A 324 -6.29 16.99 -34.76
N ASP A 325 -6.31 15.68 -34.49
CA ASP A 325 -6.05 15.12 -33.16
C ASP A 325 -4.61 14.69 -32.83
N GLU A 326 -4.26 14.81 -31.55
CA GLU A 326 -3.06 14.17 -31.03
C GLU A 326 -3.41 12.71 -30.73
N PRO A 327 -2.66 11.77 -31.31
CA PRO A 327 -2.88 10.34 -31.06
C PRO A 327 -2.41 9.95 -29.66
N TYR A 328 -3.17 9.12 -28.93
CA TYR A 328 -2.82 8.76 -27.56
C TYR A 328 -2.40 7.28 -27.47
N TYR A 329 -3.01 6.43 -28.30
CA TYR A 329 -2.74 4.98 -28.28
C TYR A 329 -2.59 4.42 -29.68
N PRO A 330 -1.62 3.55 -29.89
CA PRO A 330 -1.58 2.72 -31.10
C PRO A 330 -2.59 1.59 -30.98
N ILE A 331 -3.14 1.16 -32.10
CA ILE A 331 -4.15 0.13 -32.07
C ILE A 331 -3.57 -1.23 -32.38
N ASN A 332 -2.64 -1.26 -33.34
CA ASN A 332 -1.88 -2.47 -33.62
C ASN A 332 -2.71 -3.70 -33.96
N THR A 333 -3.75 -3.52 -34.77
CA THR A 333 -4.45 -4.63 -35.40
C THR A 333 -3.43 -5.31 -36.29
N PRO A 334 -3.72 -6.55 -36.74
CA PRO A 334 -2.78 -7.16 -37.68
C PRO A 334 -2.55 -6.28 -38.93
N SER A 335 -3.62 -5.68 -39.46
CA SER A 335 -3.46 -4.76 -40.59
C SER A 335 -2.51 -3.59 -40.27
N ASP A 336 -2.62 -3.05 -39.05
CA ASP A 336 -1.71 -2.02 -38.58
C ASP A 336 -0.27 -2.51 -38.49
N ARG A 337 -0.06 -3.75 -38.02
CA ARG A 337 1.30 -4.25 -37.83
C ARG A 337 1.98 -4.42 -39.20
N GLU A 338 1.20 -4.70 -40.24
CA GLU A 338 1.75 -4.78 -41.59
C GLU A 338 2.29 -3.40 -42.02
N MET A 339 1.40 -2.42 -42.03
CA MET A 339 1.74 -1.05 -42.38
C MET A 339 2.93 -0.53 -41.58
N LEU A 340 2.96 -0.88 -40.29
CA LEU A 340 4.02 -0.46 -39.39
C LEU A 340 5.37 -0.94 -39.86
N PHE A 341 5.40 -2.20 -40.29
CA PHE A 341 6.64 -2.80 -40.75
C PHE A 341 7.22 -1.97 -41.89
N LYS A 342 6.35 -1.53 -42.81
CA LYS A 342 6.77 -0.68 -43.92
C LYS A 342 7.28 0.66 -43.42
N TYR A 343 6.65 1.22 -42.40
CA TYR A 343 7.17 2.48 -41.86
C TYR A 343 8.51 2.27 -41.16
N ARG A 344 8.69 1.10 -40.56
CA ARG A 344 9.96 0.76 -39.90
C ARG A 344 11.10 0.74 -40.91
N GLU A 345 10.80 0.25 -42.12
CA GLU A 345 11.78 0.20 -43.19
C GLU A 345 12.20 1.64 -43.54
N LEU A 346 11.22 2.49 -43.80
CA LEU A 346 11.46 3.92 -44.08
C LEU A 346 12.29 4.59 -42.97
N ALA A 347 11.86 4.39 -41.73
CA ALA A 347 12.55 4.95 -40.56
C ALA A 347 14.03 4.55 -40.56
N ASP A 348 14.29 3.25 -40.71
CA ASP A 348 15.65 2.72 -40.82
C ASP A 348 16.48 3.43 -41.89
N ALA A 349 15.97 3.50 -43.11
CA ALA A 349 16.58 4.26 -44.19
C ALA A 349 16.88 5.71 -43.80
N GLU A 350 15.92 6.33 -43.13
CA GLU A 350 16.03 7.74 -42.75
C GLU A 350 17.13 7.97 -41.73
N THR A 351 17.32 6.99 -40.85
CA THR A 351 18.33 7.09 -39.80
C THR A 351 19.72 7.05 -40.43
N GLU A 352 19.84 6.28 -41.50
CA GLU A 352 21.09 6.18 -42.25
C GLU A 352 21.31 7.41 -43.09
N SER A 353 20.32 7.70 -43.93
CA SER A 353 20.32 8.85 -44.82
C SER A 353 20.37 10.19 -44.09
N GLY A 354 19.44 10.41 -43.16
CA GLY A 354 19.30 11.72 -42.55
C GLY A 354 19.63 11.84 -41.08
N LYS A 355 20.21 10.77 -40.51
CA LYS A 355 20.60 10.77 -39.10
C LYS A 355 19.44 11.14 -38.19
N VAL A 356 18.26 10.63 -38.52
CA VAL A 356 17.07 10.92 -37.74
C VAL A 356 16.67 9.64 -37.00
N TYR A 357 16.62 9.68 -35.68
CA TYR A 357 16.24 8.51 -34.88
C TYR A 357 14.79 8.61 -34.47
N PHE A 358 14.15 7.46 -34.31
CA PHE A 358 12.72 7.37 -34.00
C PHE A 358 12.49 6.72 -32.64
N GLY A 359 11.91 7.46 -31.71
CA GLY A 359 11.65 6.91 -30.39
C GLY A 359 10.31 7.28 -29.80
N GLY A 360 9.94 6.57 -28.74
CA GLY A 360 8.78 6.90 -27.95
C GLY A 360 7.48 6.25 -28.40
N ARG A 361 6.42 6.46 -27.62
CA ARG A 361 5.11 5.86 -27.90
C ARG A 361 4.66 6.16 -29.32
N LEU A 362 4.79 7.42 -29.73
CA LEU A 362 4.34 7.82 -31.07
C LEU A 362 5.40 7.53 -32.13
N GLY A 363 6.66 7.71 -31.75
CA GLY A 363 7.76 7.57 -32.69
C GLY A 363 7.95 6.14 -33.16
N THR A 364 7.56 5.19 -32.33
CA THR A 364 7.67 3.77 -32.69
C THR A 364 6.32 3.05 -32.73
N TYR A 365 5.23 3.79 -32.48
CA TYR A 365 3.89 3.19 -32.50
C TYR A 365 3.82 2.03 -31.48
N GLN A 366 4.21 2.28 -30.23
CA GLN A 366 4.17 1.22 -29.20
C GLN A 366 3.43 1.66 -27.95
N TYR A 367 2.76 0.70 -27.34
CA TYR A 367 1.92 0.96 -26.19
C TYR A 367 2.83 1.03 -24.96
N LEU A 368 3.55 2.14 -24.82
CA LEU A 368 4.58 2.32 -23.80
C LEU A 368 4.09 3.06 -22.56
N ASP A 369 4.39 2.49 -21.38
CA ASP A 369 4.25 3.21 -20.12
C ASP A 369 5.44 4.15 -19.93
N MET A 370 5.35 5.02 -18.94
CA MET A 370 6.41 5.99 -18.66
C MET A 370 7.79 5.33 -18.51
N HIS A 371 7.89 4.32 -17.65
CA HIS A 371 9.20 3.70 -17.38
C HIS A 371 9.77 3.03 -18.63
N MET A 372 8.90 2.53 -19.49
CA MET A 372 9.34 1.97 -20.77
C MET A 372 9.85 3.05 -21.74
N ALA A 373 9.19 4.20 -21.78
CA ALA A 373 9.69 5.31 -22.62
C ALA A 373 11.08 5.70 -22.12
N ILE A 374 11.20 5.81 -20.80
CA ILE A 374 12.45 6.22 -20.18
C ILE A 374 13.52 5.14 -20.33
N ALA A 375 13.12 3.86 -20.22
CA ALA A 375 14.09 2.78 -20.38
C ALA A 375 14.61 2.75 -21.82
N SER A 376 13.69 2.87 -22.76
CA SER A 376 14.05 2.84 -24.16
C SER A 376 14.93 4.06 -24.55
N ALA A 377 14.70 5.19 -23.90
CA ALA A 377 15.49 6.40 -24.20
C ALA A 377 16.89 6.29 -23.62
N LEU A 378 17.01 5.80 -22.39
CA LEU A 378 18.32 5.55 -21.77
C LEU A 378 19.13 4.60 -22.65
N SER A 379 18.44 3.59 -23.17
CA SER A 379 19.08 2.65 -24.07
C SER A 379 19.54 3.31 -25.36
N MET A 380 18.66 4.08 -25.99
CA MET A 380 19.01 4.76 -27.25
C MET A 380 20.20 5.69 -27.03
N PHE A 381 20.21 6.41 -25.91
CA PHE A 381 21.33 7.30 -25.63
C PHE A 381 22.65 6.56 -25.57
N ASP A 382 22.70 5.50 -24.75
CA ASP A 382 23.93 4.70 -24.61
C ASP A 382 24.30 3.97 -25.88
N ASN A 383 23.31 3.33 -26.50
CA ASN A 383 23.59 2.41 -27.60
C ASN A 383 23.64 3.03 -28.98
N LYS A 384 23.07 4.23 -29.14
CA LYS A 384 23.04 4.86 -30.47
C LYS A 384 23.60 6.28 -30.49
N LEU A 385 23.20 7.11 -29.53
CA LEU A 385 23.52 8.53 -29.59
C LEU A 385 24.91 8.89 -29.09
N VAL A 386 25.46 8.11 -28.14
CA VAL A 386 26.84 8.34 -27.70
C VAL A 386 27.75 8.21 -28.91
N ASP A 387 27.50 7.15 -29.67
CA ASP A 387 28.17 6.93 -30.94
C ASP A 387 27.95 8.10 -31.91
N ALA A 388 26.68 8.43 -32.15
CA ALA A 388 26.30 9.41 -33.15
C ALA A 388 26.77 10.82 -32.80
N LEU A 389 27.07 11.06 -31.53
CA LEU A 389 27.48 12.38 -31.10
C LEU A 389 28.99 12.44 -30.85
N LYS A 390 29.70 11.36 -31.18
CA LYS A 390 31.14 11.32 -30.96
C LYS A 390 31.85 12.26 -31.92
N SER B 5 26.64 -7.19 40.90
CA SER B 5 26.58 -5.82 41.41
C SER B 5 27.02 -4.83 40.34
N ASP B 6 27.19 -3.57 40.77
CA ASP B 6 27.56 -2.45 39.90
C ASP B 6 26.36 -2.05 39.01
N PHE B 7 25.24 -2.76 39.15
CA PHE B 7 24.05 -2.46 38.34
C PHE B 7 23.31 -1.22 38.84
N ASP B 8 23.12 -0.26 37.93
CA ASP B 8 22.37 0.96 38.22
C ASP B 8 20.86 0.76 38.13
N LEU B 9 20.43 -0.22 37.33
CA LEU B 9 19.00 -0.39 37.09
C LEU B 9 18.60 -1.84 36.95
N ILE B 10 17.46 -2.21 37.52
CA ILE B 10 16.91 -3.53 37.30
C ILE B 10 15.56 -3.43 36.61
N VAL B 11 15.43 -4.08 35.45
CA VAL B 11 14.15 -4.09 34.75
C VAL B 11 13.53 -5.50 34.75
N VAL B 12 12.30 -5.58 35.23
CA VAL B 12 11.54 -6.83 35.23
C VAL B 12 10.72 -6.96 33.95
N GLY B 13 11.23 -7.76 33.01
CA GLY B 13 10.55 -8.03 31.75
C GLY B 13 11.31 -7.51 30.54
N SER B 14 11.44 -8.35 29.52
CA SER B 14 12.21 -7.97 28.33
C SER B 14 11.30 -7.74 27.14
N GLY B 15 10.06 -7.34 27.41
CA GLY B 15 9.17 -6.90 26.36
C GLY B 15 9.62 -5.51 25.92
N LEU B 16 8.91 -4.94 24.94
CA LEU B 16 9.29 -3.64 24.39
C LEU B 16 9.35 -2.54 25.43
N PHE B 17 8.38 -2.51 26.35
CA PHE B 17 8.41 -1.52 27.42
C PHE B 17 9.67 -1.67 28.22
N GLY B 18 9.96 -2.89 28.67
CA GLY B 18 11.17 -3.17 29.43
C GLY B 18 12.47 -2.91 28.70
N LEU B 19 12.52 -3.18 27.40
CA LEU B 19 13.73 -2.98 26.58
C LEU B 19 14.07 -1.53 26.24
N THR B 20 13.05 -0.68 26.10
CA THR B 20 13.28 0.72 25.73
C THR B 20 13.91 1.48 26.90
N VAL B 21 13.24 1.41 28.05
CA VAL B 21 13.68 1.97 29.32
C VAL B 21 15.09 1.52 29.66
N ALA B 22 15.41 0.26 29.39
CA ALA B 22 16.73 -0.25 29.67
C ALA B 22 17.74 0.28 28.65
N GLU B 23 17.36 0.29 27.38
CA GLU B 23 18.24 0.77 26.32
C GLU B 23 18.52 2.28 26.47
N ARG B 24 17.53 3.02 26.98
CA ARG B 24 17.71 4.46 27.12
C ARG B 24 18.67 4.75 28.26
N ALA B 25 18.49 4.07 29.39
CA ALA B 25 19.44 4.21 30.49
C ALA B 25 20.87 3.88 30.07
N ALA B 26 21.03 2.81 29.29
CA ALA B 26 22.34 2.32 28.89
C ALA B 26 23.10 3.24 27.92
N SER B 27 22.43 3.76 26.91
CA SER B 27 23.12 4.53 25.89
C SER B 27 22.99 6.05 26.10
N GLN B 28 21.94 6.48 26.81
CA GLN B 28 21.75 7.91 27.05
C GLN B 28 22.34 8.32 28.40
N LEU B 29 22.31 7.44 29.39
CA LEU B 29 22.87 7.76 30.71
C LEU B 29 24.12 6.95 31.05
N GLY B 30 24.52 6.04 30.18
CA GLY B 30 25.72 5.25 30.38
C GLY B 30 25.69 4.37 31.62
N LYS B 31 24.50 4.01 32.07
CA LYS B 31 24.36 3.23 33.30
C LYS B 31 24.26 1.74 32.97
N LYS B 32 24.85 0.89 33.81
CA LYS B 32 24.75 -0.54 33.57
C LYS B 32 23.42 -1.08 34.08
N VAL B 33 22.71 -1.76 33.19
CA VAL B 33 21.39 -2.29 33.51
C VAL B 33 21.36 -3.81 33.40
N LEU B 34 20.62 -4.44 34.29
CA LEU B 34 20.31 -5.86 34.10
C LEU B 34 18.81 -6.05 34.00
N ILE B 35 18.39 -6.78 32.97
CA ILE B 35 16.98 -7.13 32.80
C ILE B 35 16.74 -8.58 33.19
N VAL B 36 15.81 -8.80 34.12
CA VAL B 36 15.39 -10.15 34.48
C VAL B 36 14.16 -10.57 33.67
N GLU B 37 14.33 -11.62 32.88
CA GLU B 37 13.29 -12.20 32.04
C GLU B 37 12.92 -13.62 32.49
N LYS B 38 11.62 -13.92 32.54
CA LYS B 38 11.17 -15.23 32.97
C LYS B 38 11.28 -16.25 31.84
N ARG B 39 11.08 -15.80 30.61
CA ARG B 39 11.04 -16.70 29.45
C ARG B 39 12.41 -17.12 28.92
N SER B 40 12.37 -17.99 27.92
CA SER B 40 13.57 -18.55 27.30
C SER B 40 14.12 -17.66 26.19
N HIS B 41 13.44 -16.53 25.96
CA HIS B 41 13.85 -15.64 24.89
C HIS B 41 13.60 -14.20 25.29
N LEU B 42 14.15 -13.30 24.49
CA LEU B 42 14.02 -11.88 24.68
C LEU B 42 12.80 -11.45 23.91
N GLY B 43 12.26 -10.27 24.20
CA GLY B 43 11.26 -9.66 23.34
C GLY B 43 9.79 -9.74 23.73
N GLY B 44 9.47 -10.55 24.73
CA GLY B 44 8.09 -10.73 25.13
C GLY B 44 7.23 -11.28 24.01
N ASN B 45 6.08 -10.65 23.82
CA ASN B 45 5.12 -11.07 22.79
C ASN B 45 5.53 -10.64 21.37
N ALA B 46 6.50 -9.74 21.27
CA ALA B 46 6.99 -9.31 19.95
C ALA B 46 7.89 -10.36 19.31
N TYR B 47 8.24 -11.40 20.07
CA TYR B 47 9.15 -12.44 19.59
C TYR B 47 8.62 -13.21 18.38
N SER B 48 9.52 -13.54 17.46
CA SER B 48 9.19 -14.35 16.30
C SER B 48 10.34 -15.34 16.05
N GLU B 49 10.04 -16.46 15.41
CA GLU B 49 11.07 -17.41 14.99
C GLU B 49 10.59 -18.21 13.78
N ALA B 50 11.55 -18.75 13.04
CA ALA B 50 11.26 -19.51 11.82
C ALA B 50 10.62 -20.86 12.14
N GLU B 51 9.61 -21.24 11.35
CA GLU B 51 8.96 -22.55 11.44
C GLU B 51 9.86 -23.63 10.83
N PRO B 52 10.09 -24.75 11.57
CA PRO B 52 11.11 -25.75 11.19
C PRO B 52 10.96 -26.32 9.77
N GLU B 53 9.75 -26.72 9.40
CA GLU B 53 9.51 -27.39 8.12
C GLU B 53 9.57 -26.48 6.89
N THR B 54 9.14 -25.22 7.04
CA THR B 54 9.01 -24.30 5.91
C THR B 54 9.96 -23.10 5.97
N GLY B 55 10.43 -22.77 7.16
CA GLY B 55 11.34 -21.64 7.35
C GLY B 55 10.61 -20.32 7.47
N ILE B 56 9.28 -20.39 7.49
CA ILE B 56 8.45 -19.18 7.56
C ILE B 56 8.46 -18.53 8.95
N GLU B 57 8.73 -17.22 8.98
CA GLU B 57 8.75 -16.46 10.23
C GLU B 57 7.37 -16.43 10.89
N ILE B 58 7.32 -16.89 12.14
CA ILE B 58 6.07 -17.00 12.90
C ILE B 58 5.99 -16.11 14.12
N HIS B 59 4.90 -15.36 14.24
CA HIS B 59 4.60 -14.68 15.48
C HIS B 59 3.90 -15.66 16.43
N LYS B 60 4.65 -16.35 17.28
CA LYS B 60 4.08 -17.43 18.07
C LYS B 60 3.17 -16.92 19.16
N TYR B 61 3.18 -15.59 19.33
CA TYR B 61 2.44 -14.94 20.39
C TYR B 61 1.40 -13.97 19.84
N GLY B 62 1.03 -14.15 18.57
CA GLY B 62 0.02 -13.32 17.94
C GLY B 62 0.61 -12.44 16.86
N ALA B 63 -0.14 -12.21 15.77
CA ALA B 63 0.36 -11.41 14.66
C ALA B 63 0.85 -10.08 15.17
N HIS B 64 2.12 -9.79 14.94
CA HIS B 64 2.65 -8.52 15.39
C HIS B 64 2.98 -7.60 14.22
N LEU B 65 2.22 -6.51 14.16
CA LEU B 65 2.31 -5.57 13.06
C LEU B 65 2.60 -4.19 13.63
N PHE B 66 3.75 -3.63 13.28
CA PHE B 66 4.14 -2.37 13.89
C PHE B 66 3.58 -1.21 13.09
N HIS B 67 2.99 -0.24 13.78
CA HIS B 67 2.46 0.99 13.19
C HIS B 67 2.52 2.11 14.20
N THR B 68 2.85 3.32 13.74
CA THR B 68 2.83 4.50 14.61
C THR B 68 2.73 5.83 13.82
N SER B 69 2.19 6.86 14.47
CA SER B 69 2.24 8.21 13.91
C SER B 69 3.20 9.07 14.73
N ASN B 70 3.84 8.47 15.74
CA ASN B 70 4.80 9.18 16.56
C ASN B 70 6.16 9.13 15.88
N LYS B 71 6.60 10.29 15.41
CA LYS B 71 7.83 10.43 14.64
C LYS B 71 9.03 10.08 15.52
N ARG B 72 8.95 10.47 16.77
CA ARG B 72 10.05 10.21 17.67
C ARG B 72 10.18 8.70 17.91
N VAL B 73 9.06 8.04 18.13
CA VAL B 73 9.04 6.57 18.26
C VAL B 73 9.53 5.90 16.96
N TRP B 74 9.11 6.39 15.81
CA TRP B 74 9.52 5.80 14.53
C TRP B 74 11.03 5.83 14.31
N ASP B 75 11.63 7.01 14.52
CA ASP B 75 13.06 7.20 14.32
C ASP B 75 13.84 6.33 15.29
N TYR B 76 13.33 6.24 16.49
CA TYR B 76 13.93 5.40 17.52
C TYR B 76 14.03 3.92 17.10
N VAL B 77 12.90 3.31 16.74
CA VAL B 77 12.92 1.89 16.41
C VAL B 77 13.75 1.62 15.16
N ASN B 78 13.85 2.62 14.29
CA ASN B 78 14.59 2.44 13.05
C ASN B 78 16.09 2.39 13.24
N GLN B 79 16.52 2.59 14.49
CA GLN B 79 17.92 2.40 14.86
C GLN B 79 18.29 0.94 15.00
N PHE B 80 17.28 0.10 15.24
CA PHE B 80 17.54 -1.29 15.60
C PHE B 80 17.13 -2.24 14.49
N THR B 81 16.29 -1.75 13.57
CA THR B 81 15.89 -2.55 12.43
C THR B 81 15.34 -1.69 11.32
N ALA B 82 15.51 -2.14 10.09
CA ALA B 82 14.80 -1.53 8.97
C ALA B 82 13.41 -2.15 8.91
N PHE B 83 12.49 -1.45 8.26
CA PHE B 83 11.12 -1.95 8.15
C PHE B 83 10.75 -2.12 6.68
N THR B 84 9.97 -3.15 6.38
CA THR B 84 9.50 -3.34 5.02
C THR B 84 8.37 -2.34 4.75
N GLY B 85 7.87 -2.33 3.52
CA GLY B 85 6.79 -1.45 3.13
C GLY B 85 5.44 -2.09 3.33
N TYR B 86 5.40 -3.19 4.08
CA TYR B 86 4.16 -3.92 4.27
C TYR B 86 3.09 -3.04 4.88
N GLN B 87 1.88 -3.11 4.32
CA GLN B 87 0.71 -2.46 4.86
C GLN B 87 -0.37 -3.47 5.22
N HIS B 88 -0.80 -3.48 6.48
CA HIS B 88 -1.76 -4.48 6.95
C HIS B 88 -3.15 -4.24 6.38
N ARG B 89 -3.74 -5.29 5.85
CA ARG B 89 -5.13 -5.29 5.44
C ARG B 89 -5.79 -6.56 5.98
N VAL B 90 -7.03 -6.45 6.39
CA VAL B 90 -7.77 -7.56 6.98
C VAL B 90 -9.06 -7.75 6.20
N PHE B 91 -9.43 -9.01 5.98
CA PHE B 91 -10.74 -9.33 5.41
C PHE B 91 -11.59 -10.02 6.46
N ALA B 92 -12.90 -9.83 6.39
CA ALA B 92 -13.81 -10.37 7.40
C ALA B 92 -14.79 -11.40 6.81
N MET B 93 -14.62 -12.65 7.21
CA MET B 93 -15.46 -13.75 6.72
C MET B 93 -16.81 -13.81 7.42
N HIS B 94 -17.88 -13.68 6.64
CA HIS B 94 -19.24 -13.69 7.16
C HIS B 94 -20.22 -14.36 6.20
N ASN B 95 -20.90 -15.40 6.69
CA ASN B 95 -21.85 -16.17 5.91
C ASN B 95 -21.34 -16.59 4.54
N GLY B 96 -20.16 -17.18 4.50
CA GLY B 96 -19.60 -17.68 3.26
C GLY B 96 -18.96 -16.64 2.34
N THR B 97 -18.87 -15.38 2.78
CA THR B 97 -18.26 -14.33 1.95
C THR B 97 -17.14 -13.60 2.67
N ALA B 98 -16.06 -13.31 1.94
CA ALA B 98 -14.96 -12.53 2.48
C ALA B 98 -15.20 -11.04 2.22
N TYR B 99 -15.43 -10.28 3.29
CA TYR B 99 -15.74 -8.85 3.18
C TYR B 99 -14.53 -7.96 3.33
N GLN B 100 -14.48 -6.94 2.47
CA GLN B 100 -13.57 -5.81 2.65
C GLN B 100 -13.82 -5.21 4.03
N PHE B 101 -12.77 -4.79 4.70
CA PHE B 101 -12.89 -4.46 6.11
C PHE B 101 -11.71 -3.59 6.45
N PRO B 102 -11.86 -2.69 7.45
CA PRO B 102 -13.04 -2.31 8.25
C PRO B 102 -14.06 -1.45 7.47
N MET B 103 -14.95 -0.73 8.16
CA MET B 103 -16.04 -0.05 7.43
C MET B 103 -15.52 0.93 6.41
N GLY B 104 -15.96 0.75 5.17
CA GLY B 104 -15.64 1.64 4.06
C GLY B 104 -16.67 1.38 2.99
N LEU B 105 -16.52 2.03 1.85
CA LEU B 105 -17.48 1.90 0.76
C LEU B 105 -17.47 0.48 0.19
N GLY B 106 -16.36 -0.22 0.37
CA GLY B 106 -16.23 -1.55 -0.15
C GLY B 106 -17.10 -2.54 0.61
N LEU B 107 -17.00 -2.49 1.94
CA LEU B 107 -17.83 -3.33 2.79
C LEU B 107 -19.30 -2.95 2.62
N ILE B 108 -19.55 -1.64 2.58
CA ILE B 108 -20.91 -1.16 2.43
C ILE B 108 -21.52 -1.63 1.10
N ASN B 109 -20.77 -1.54 0.01
CA ASN B 109 -21.27 -2.06 -1.26
C ASN B 109 -21.55 -3.57 -1.15
N GLN B 110 -20.61 -4.28 -0.58
CA GLN B 110 -20.72 -5.72 -0.53
C GLN B 110 -21.88 -6.19 0.35
N PHE B 111 -22.05 -5.54 1.50
CA PHE B 111 -23.04 -5.98 2.48
C PHE B 111 -24.44 -5.49 2.14
N PHE B 112 -24.59 -4.26 1.64
CA PHE B 112 -25.94 -3.76 1.39
C PHE B 112 -26.41 -3.98 -0.05
N GLY B 113 -25.51 -4.46 -0.92
CA GLY B 113 -25.91 -4.95 -2.23
C GLY B 113 -25.68 -4.03 -3.43
N ARG B 114 -25.36 -2.77 -3.18
CA ARG B 114 -25.01 -1.87 -4.29
C ARG B 114 -24.08 -0.76 -3.83
N TYR B 115 -23.51 -0.09 -4.82
CA TYR B 115 -22.58 1.00 -4.56
C TYR B 115 -23.27 2.21 -3.93
N TYR B 116 -22.74 2.64 -2.79
CA TYR B 116 -23.09 3.92 -2.19
C TYR B 116 -21.92 4.90 -2.36
N THR B 117 -22.19 6.09 -2.90
CA THR B 117 -21.19 7.17 -2.91
C THR B 117 -20.81 7.55 -1.49
N PRO B 118 -19.69 8.28 -1.31
CA PRO B 118 -19.37 8.73 0.05
C PRO B 118 -20.53 9.45 0.72
N ASP B 119 -21.12 10.44 0.05
CA ASP B 119 -22.30 11.12 0.55
C ASP B 119 -23.50 10.19 0.84
N GLU B 120 -23.82 9.29 -0.08
CA GLU B 120 -24.92 8.36 0.15
C GLU B 120 -24.61 7.42 1.34
N ALA B 121 -23.36 6.99 1.44
CA ALA B 121 -22.99 6.09 2.54
C ALA B 121 -23.03 6.78 3.90
N ARG B 122 -22.56 8.03 3.97
CA ARG B 122 -22.64 8.83 5.19
C ARG B 122 -24.09 8.91 5.66
N GLU B 123 -25.00 9.10 4.72
CA GLU B 123 -26.42 9.18 5.03
C GLU B 123 -26.97 7.84 5.50
N LEU B 124 -26.59 6.75 4.83
CA LEU B 124 -27.04 5.41 5.21
C LEU B 124 -26.68 5.04 6.65
N ILE B 125 -25.42 5.29 7.01
CA ILE B 125 -24.93 4.96 8.33
C ILE B 125 -25.48 5.95 9.37
N LYS B 126 -25.73 7.18 8.95
CA LYS B 126 -26.33 8.15 9.87
C LYS B 126 -27.71 7.66 10.33
N GLU B 127 -28.47 7.08 9.41
CA GLU B 127 -29.80 6.58 9.70
C GLU B 127 -29.77 5.36 10.63
N GLN B 128 -28.98 4.36 10.28
CA GLN B 128 -28.90 3.13 11.06
C GLN B 128 -28.25 3.27 12.44
N SER B 129 -27.59 4.40 12.69
CA SER B 129 -26.88 4.57 13.95
C SER B 129 -27.56 5.57 14.89
N ALA B 130 -28.75 6.00 14.50
CA ALA B 130 -29.42 7.14 15.14
C ALA B 130 -29.75 6.89 16.61
N GLU B 131 -29.91 5.62 16.98
CA GLU B 131 -30.35 5.22 18.31
C GLU B 131 -29.40 5.66 19.44
N ILE B 132 -28.15 5.97 19.11
CA ILE B 132 -27.20 6.49 20.08
C ILE B 132 -26.15 7.35 19.36
N ASP B 133 -25.86 8.53 19.91
CA ASP B 133 -24.80 9.39 19.40
C ASP B 133 -23.45 9.04 20.04
N SER B 134 -22.35 9.28 19.33
CA SER B 134 -21.00 8.91 19.80
C SER B 134 -20.63 9.57 21.12
N LYS B 135 -21.21 10.73 21.38
CA LYS B 135 -20.99 11.47 22.62
C LYS B 135 -21.62 10.78 23.84
N ASP B 136 -22.64 9.96 23.58
CA ASP B 136 -23.42 9.30 24.63
C ASP B 136 -23.08 7.82 24.79
N ALA B 137 -22.07 7.36 24.05
CA ALA B 137 -21.66 5.95 24.09
C ALA B 137 -20.62 5.71 25.18
N THR B 138 -20.92 4.80 26.10
CA THR B 138 -20.06 4.61 27.26
C THR B 138 -19.44 3.22 27.30
N ASN B 139 -19.83 2.37 26.34
CA ASN B 139 -19.26 1.03 26.22
C ASN B 139 -19.08 0.61 24.76
N LEU B 140 -18.57 -0.62 24.58
CA LEU B 140 -18.21 -1.14 23.25
C LEU B 140 -19.41 -1.19 22.29
N GLU B 141 -20.54 -1.73 22.75
CA GLU B 141 -21.72 -1.87 21.89
C GLU B 141 -22.32 -0.54 21.41
N GLU B 142 -22.55 0.37 22.36
CA GLU B 142 -23.12 1.69 22.08
C GLU B 142 -22.21 2.43 21.13
N LYS B 143 -20.91 2.35 21.39
CA LYS B 143 -19.89 3.04 20.58
C LYS B 143 -19.80 2.48 19.17
N ALA B 144 -19.76 1.15 19.05
CA ALA B 144 -19.71 0.49 17.75
C ALA B 144 -20.90 0.88 16.86
N ILE B 145 -22.12 0.72 17.38
CA ILE B 145 -23.35 1.05 16.66
C ILE B 145 -23.36 2.52 16.26
N SER B 146 -22.93 3.37 17.19
CA SER B 146 -22.77 4.79 16.94
C SER B 146 -21.82 5.11 15.78
N LEU B 147 -20.81 4.25 15.57
CA LEU B 147 -19.80 4.51 14.55
C LEU B 147 -20.17 3.84 13.23
N ILE B 148 -20.78 2.66 13.30
CA ILE B 148 -21.05 1.91 12.08
C ILE B 148 -22.52 1.46 11.89
N GLY B 149 -23.40 1.80 12.80
CA GLY B 149 -24.80 1.47 12.60
C GLY B 149 -25.12 0.05 13.04
N ARG B 150 -26.41 -0.20 13.25
CA ARG B 150 -26.88 -1.44 13.83
C ARG B 150 -26.55 -2.72 13.00
N PRO B 151 -26.91 -2.75 11.70
CA PRO B 151 -26.73 -3.99 10.94
C PRO B 151 -25.28 -4.43 10.81
N LEU B 152 -24.38 -3.48 10.62
CA LEU B 152 -22.97 -3.82 10.51
C LEU B 152 -22.44 -4.33 11.85
N TYR B 153 -22.99 -3.79 12.94
CA TYR B 153 -22.65 -4.20 14.29
C TYR B 153 -23.04 -5.65 14.53
N GLU B 154 -24.29 -5.98 14.20
CA GLU B 154 -24.84 -7.30 14.45
C GLU B 154 -24.21 -8.34 13.55
N ALA B 155 -23.74 -7.90 12.39
CA ALA B 155 -23.16 -8.82 11.42
C ALA B 155 -21.64 -8.97 11.56
N PHE B 156 -20.94 -7.93 12.02
CA PHE B 156 -19.48 -7.97 12.03
C PHE B 156 -18.83 -7.75 13.39
N ILE B 157 -19.58 -7.24 14.35
CA ILE B 157 -19.03 -6.95 15.67
C ILE B 157 -19.54 -7.93 16.78
N ARG B 158 -20.83 -8.22 16.77
CA ARG B 158 -21.45 -8.98 17.85
C ARG B 158 -20.79 -10.32 18.16
N ASP B 159 -20.82 -11.26 17.21
CA ASP B 159 -20.30 -12.60 17.47
C ASP B 159 -18.79 -12.56 17.71
N TYR B 160 -18.09 -11.73 16.94
CA TYR B 160 -16.64 -11.66 17.06
C TYR B 160 -16.25 -11.31 18.49
N THR B 161 -16.85 -10.22 18.97
CA THR B 161 -16.58 -9.69 20.30
C THR B 161 -16.92 -10.74 21.37
N ALA B 162 -18.03 -11.45 21.15
CA ALA B 162 -18.43 -12.52 22.05
C ALA B 162 -17.33 -13.56 22.13
N LYS B 163 -16.78 -13.95 20.99
CA LYS B 163 -15.66 -14.89 20.99
C LYS B 163 -14.41 -14.28 21.63
N GLN B 164 -14.13 -13.02 21.32
CA GLN B 164 -12.85 -12.46 21.75
C GLN B 164 -12.88 -12.14 23.25
N TRP B 165 -14.04 -11.77 23.77
CA TRP B 165 -14.12 -11.32 25.16
C TRP B 165 -14.96 -12.21 26.09
N GLN B 166 -15.88 -12.99 25.52
CA GLN B 166 -16.84 -13.79 26.30
C GLN B 166 -17.46 -12.92 27.39
N THR B 167 -17.77 -11.68 27.01
CA THR B 167 -18.23 -10.64 27.93
C THR B 167 -19.28 -9.75 27.25
N ASP B 168 -20.32 -9.42 28.01
CA ASP B 168 -21.38 -8.48 27.62
C ASP B 168 -20.82 -7.23 26.96
N PRO B 169 -21.15 -7.02 25.68
CA PRO B 169 -20.62 -5.85 24.96
C PRO B 169 -21.03 -4.52 25.61
N LYS B 170 -21.99 -4.55 26.54
CA LYS B 170 -22.41 -3.34 27.25
C LYS B 170 -21.52 -2.95 28.45
N GLU B 171 -20.58 -3.81 28.82
CA GLU B 171 -19.66 -3.45 29.91
C GLU B 171 -18.18 -3.38 29.49
N LEU B 172 -17.90 -3.68 28.22
CA LEU B 172 -16.53 -3.58 27.70
C LEU B 172 -16.27 -2.12 27.32
N PRO B 173 -15.00 -1.69 27.34
CA PRO B 173 -14.63 -0.29 27.03
C PRO B 173 -14.93 0.16 25.59
N ALA B 174 -15.46 1.38 25.45
CA ALA B 174 -15.72 1.97 24.14
C ALA B 174 -14.43 2.07 23.32
N GLY B 175 -13.32 2.32 24.01
CA GLY B 175 -12.03 2.46 23.35
C GLY B 175 -11.58 1.22 22.58
N ASN B 176 -12.14 0.06 22.92
CA ASN B 176 -11.79 -1.18 22.22
C ASN B 176 -12.16 -1.13 20.75
N ILE B 177 -13.31 -0.55 20.44
CA ILE B 177 -13.78 -0.49 19.07
C ILE B 177 -13.19 0.70 18.29
N THR B 178 -12.84 1.78 18.98
CA THR B 178 -12.29 2.95 18.30
C THR B 178 -10.87 2.69 17.79
N ARG B 179 -10.32 1.53 18.17
CA ARG B 179 -9.07 1.05 17.60
C ARG B 179 -9.16 0.90 16.07
N LEU B 180 -10.36 0.58 15.56
CA LEU B 180 -10.54 0.36 14.12
C LEU B 180 -10.87 1.68 13.38
N PRO B 181 -10.18 1.92 12.24
CA PRO B 181 -10.53 3.06 11.38
C PRO B 181 -11.97 2.93 10.87
N VAL B 182 -12.70 4.04 10.86
CA VAL B 182 -14.06 4.10 10.31
C VAL B 182 -14.06 5.07 9.11
N ARG B 183 -14.29 4.57 7.89
CA ARG B 183 -14.10 5.40 6.67
C ARG B 183 -15.28 5.45 5.67
N TYR B 184 -15.34 6.54 4.91
CA TYR B 184 -16.36 6.72 3.87
C TYR B 184 -15.73 6.85 2.48
N ASN B 185 -14.69 6.06 2.26
CA ASN B 185 -14.00 5.95 0.99
C ASN B 185 -13.63 4.48 0.81
N PHE B 186 -12.82 4.17 -0.20
CA PHE B 186 -12.48 2.77 -0.49
C PHE B 186 -11.14 2.33 0.15
N ASP B 187 -10.58 3.17 1.01
CA ASP B 187 -9.32 2.87 1.67
C ASP B 187 -9.58 1.77 2.70
N ASN B 188 -8.95 0.61 2.51
CA ASN B 188 -9.14 -0.51 3.43
C ASN B 188 -7.87 -0.87 4.18
N ARG B 189 -7.03 0.10 4.48
CA ARG B 189 -5.90 -0.18 5.35
C ARG B 189 -6.43 -0.41 6.78
N TYR B 190 -5.94 -1.45 7.46
CA TYR B 190 -6.50 -1.77 8.76
C TYR B 190 -6.09 -0.77 9.83
N PHE B 191 -4.97 -0.07 9.59
CA PHE B 191 -4.51 0.97 10.50
C PHE B 191 -4.54 2.32 9.77
N ASN B 192 -4.58 3.41 10.52
CA ASN B 192 -4.46 4.71 9.89
C ASN B 192 -3.32 5.50 10.53
N ASP B 193 -2.13 4.92 10.52
CA ASP B 193 -0.97 5.60 11.08
C ASP B 193 0.01 6.00 10.00
N THR B 194 0.85 6.99 10.30
CA THR B 194 1.81 7.54 9.36
C THR B 194 2.87 6.53 8.96
N TYR B 195 3.42 5.85 9.95
CA TYR B 195 4.49 4.89 9.70
C TYR B 195 3.99 3.49 10.05
N GLU B 196 4.34 2.51 9.23
CA GLU B 196 4.13 1.11 9.59
C GLU B 196 4.95 0.21 8.69
N GLY B 197 5.18 -1.00 9.19
CA GLY B 197 5.91 -2.01 8.46
C GLY B 197 6.28 -3.15 9.40
N LEU B 198 7.05 -4.09 8.88
CA LEU B 198 7.54 -5.20 9.67
C LEU B 198 9.07 -5.16 9.69
N PRO B 199 9.68 -5.59 10.80
CA PRO B 199 11.14 -5.72 10.89
C PRO B 199 11.69 -6.50 9.71
N VAL B 200 12.56 -5.90 8.89
CA VAL B 200 13.06 -6.57 7.70
C VAL B 200 13.74 -7.91 8.02
N ASP B 201 14.55 -7.92 9.08
CA ASP B 201 15.25 -9.12 9.49
C ASP B 201 14.50 -9.88 10.57
N GLY B 202 13.20 -9.67 10.65
CA GLY B 202 12.38 -10.38 11.63
C GLY B 202 12.44 -9.73 13.01
N TYR B 203 11.44 -10.02 13.83
CA TYR B 203 11.31 -9.40 15.13
C TYR B 203 12.41 -9.76 16.10
N ALA B 204 12.76 -11.05 16.14
CA ALA B 204 13.77 -11.54 17.05
C ALA B 204 15.07 -10.75 16.93
N GLN B 205 15.52 -10.55 15.69
CA GLN B 205 16.73 -9.79 15.41
C GLN B 205 16.62 -8.35 15.91
N TRP B 206 15.47 -7.72 15.63
CA TRP B 206 15.20 -6.37 16.10
C TRP B 206 15.38 -6.26 17.62
N LEU B 207 14.70 -7.14 18.35
CA LEU B 207 14.66 -7.05 19.80
C LEU B 207 16.03 -7.31 20.41
N SER B 208 16.82 -8.19 19.78
CA SER B 208 18.16 -8.46 20.28
C SER B 208 19.08 -7.26 20.10
N ASN B 209 19.00 -6.63 18.93
CA ASN B 209 19.77 -5.43 18.67
C ASN B 209 19.52 -4.37 19.74
N MET B 210 18.29 -4.30 20.23
CA MET B 210 17.96 -3.36 21.28
C MET B 210 18.71 -3.68 22.56
N ALA B 211 18.77 -4.97 22.90
CA ALA B 211 19.39 -5.43 24.14
C ALA B 211 20.90 -5.58 24.00
N ASP B 212 21.39 -5.33 22.78
CA ASP B 212 22.77 -5.60 22.39
C ASP B 212 23.80 -4.66 23.04
N HIS B 213 23.36 -3.62 23.73
CA HIS B 213 24.32 -2.69 24.32
C HIS B 213 25.12 -3.31 25.47
N GLU B 214 26.38 -2.89 25.61
CA GLU B 214 27.30 -3.48 26.58
C GLU B 214 27.03 -3.11 28.05
N ASN B 215 26.20 -2.10 28.29
CA ASN B 215 25.81 -1.77 29.66
C ASN B 215 24.58 -2.57 30.06
N ILE B 216 24.16 -3.46 29.19
CA ILE B 216 23.01 -4.30 29.42
C ILE B 216 23.42 -5.76 29.47
N GLU B 217 23.03 -6.46 30.53
CA GLU B 217 23.10 -7.91 30.51
C GLU B 217 21.70 -8.44 30.81
N VAL B 218 21.30 -9.47 30.07
CA VAL B 218 20.00 -10.11 30.26
C VAL B 218 20.19 -11.47 30.94
N ARG B 219 19.41 -11.71 32.00
CA ARG B 219 19.31 -13.03 32.63
C ARG B 219 17.96 -13.66 32.32
N LEU B 220 17.92 -14.49 31.28
CA LEU B 220 16.72 -15.23 30.90
C LEU B 220 16.32 -16.31 31.90
N ASP B 221 15.18 -16.96 31.68
CA ASP B 221 14.70 -18.08 32.50
C ASP B 221 14.74 -17.80 34.00
N THR B 222 14.54 -16.55 34.37
CA THR B 222 14.67 -16.09 35.76
C THR B 222 13.41 -15.34 36.22
N ASP B 223 12.82 -15.83 37.30
CA ASP B 223 11.60 -15.24 37.86
C ASP B 223 11.93 -14.20 38.90
N TRP B 224 11.54 -12.94 38.63
CA TRP B 224 11.83 -11.82 39.54
C TRP B 224 11.44 -12.10 41.00
N PHE B 225 10.22 -12.58 41.22
CA PHE B 225 9.71 -12.81 42.56
C PHE B 225 10.54 -13.82 43.36
N GLU B 226 11.44 -14.51 42.69
CA GLU B 226 12.31 -15.48 43.36
C GLU B 226 13.63 -14.86 43.77
N VAL B 227 14.25 -14.20 42.80
CA VAL B 227 15.60 -13.71 42.95
C VAL B 227 15.66 -12.28 43.46
N ARG B 228 14.49 -11.67 43.63
CA ARG B 228 14.45 -10.24 43.98
C ARG B 228 15.00 -9.97 45.37
N GLU B 229 14.63 -10.83 46.31
CA GLU B 229 14.91 -10.57 47.71
C GLU B 229 16.42 -10.44 48.01
N ASP B 230 17.25 -11.19 47.30
CA ASP B 230 18.71 -11.06 47.45
C ASP B 230 19.34 -10.10 46.44
N LEU B 231 18.86 -10.14 45.20
CA LEU B 231 19.45 -9.37 44.11
C LEU B 231 19.45 -7.87 44.38
N ARG B 232 18.37 -7.40 44.99
CA ARG B 232 18.27 -5.99 45.31
C ARG B 232 18.82 -5.75 46.72
N ALA B 233 19.27 -6.82 47.35
CA ALA B 233 20.09 -6.70 48.54
C ALA B 233 21.51 -6.56 48.05
N GLN B 234 21.83 -7.29 46.98
CA GLN B 234 23.14 -7.21 46.35
C GLN B 234 23.28 -5.82 45.71
N ASN B 235 22.13 -5.17 45.49
CA ASN B 235 22.14 -3.86 44.87
C ASN B 235 20.95 -2.96 45.20
N PRO B 236 20.89 -2.47 46.45
CA PRO B 236 19.86 -1.51 46.87
C PRO B 236 20.15 -0.18 46.18
N GLU B 237 21.18 -0.20 45.33
CA GLU B 237 21.61 0.94 44.54
C GLU B 237 20.67 1.22 43.37
N ALA B 238 20.14 0.15 42.78
CA ALA B 238 19.36 0.20 41.55
C ALA B 238 17.86 0.34 41.79
N PRO B 239 17.22 1.26 41.07
CA PRO B 239 15.75 1.28 40.96
C PRO B 239 15.24 0.09 40.14
N VAL B 240 13.96 -0.23 40.29
CA VAL B 240 13.36 -1.33 39.52
C VAL B 240 12.15 -0.93 38.65
N VAL B 241 12.20 -1.30 37.36
CA VAL B 241 11.01 -1.17 36.50
C VAL B 241 10.29 -2.51 36.30
N TYR B 242 9.09 -2.63 36.87
CA TYR B 242 8.29 -3.85 36.80
C TYR B 242 7.23 -3.81 35.69
N THR B 243 7.35 -4.69 34.70
CA THR B 243 6.39 -4.78 33.62
C THR B 243 5.59 -6.11 33.66
N GLY B 244 5.57 -6.75 34.84
CA GLY B 244 4.75 -7.94 35.03
C GLY B 244 3.32 -7.57 35.43
N PRO B 245 2.45 -8.60 35.61
CA PRO B 245 1.04 -8.36 35.95
C PRO B 245 0.85 -7.67 37.29
N LEU B 246 0.07 -6.60 37.31
CA LEU B 246 -0.12 -5.76 38.50
C LEU B 246 -0.69 -6.52 39.71
N ASP B 247 -1.82 -7.18 39.52
CA ASP B 247 -2.53 -7.85 40.61
C ASP B 247 -1.70 -8.99 41.18
N ARG B 248 -0.85 -9.53 40.34
CA ARG B 248 0.07 -10.59 40.73
C ARG B 248 1.25 -10.05 41.56
N TYR B 249 1.60 -8.78 41.34
CA TYR B 249 2.68 -8.16 42.11
C TYR B 249 2.32 -8.14 43.59
N PHE B 250 1.05 -7.89 43.89
CA PHE B 250 0.57 -7.82 45.27
C PHE B 250 -0.16 -9.09 45.70
N ASP B 251 0.19 -10.20 45.05
CA ASP B 251 -0.33 -11.51 45.40
C ASP B 251 -1.86 -11.58 45.50
N TYR B 252 -2.55 -10.88 44.60
CA TYR B 252 -4.01 -10.88 44.52
C TYR B 252 -4.62 -10.49 45.86
N SER B 253 -3.94 -9.58 46.56
CA SER B 253 -4.43 -9.05 47.83
C SER B 253 -5.80 -8.42 47.64
N GLU B 254 -6.02 -7.80 46.47
CA GLU B 254 -7.29 -7.18 46.18
C GLU B 254 -8.14 -8.02 45.22
N GLY B 255 -7.65 -9.20 44.87
CA GLY B 255 -8.38 -10.09 43.98
C GLY B 255 -7.70 -10.32 42.64
N HIS B 256 -8.39 -11.02 41.76
CA HIS B 256 -7.87 -11.29 40.42
C HIS B 256 -8.42 -10.30 39.38
N LEU B 257 -7.54 -9.59 38.69
CA LEU B 257 -7.97 -8.76 37.56
C LEU B 257 -8.39 -9.63 36.39
N GLY B 258 -9.44 -9.22 35.69
CA GLY B 258 -9.89 -9.96 34.52
C GLY B 258 -8.97 -9.73 33.33
N TRP B 259 -8.41 -10.82 32.80
CA TRP B 259 -7.58 -10.76 31.60
C TRP B 259 -8.10 -11.74 30.58
N ARG B 260 -7.84 -11.47 29.31
CA ARG B 260 -8.08 -12.47 28.28
C ARG B 260 -6.75 -13.05 27.86
N THR B 261 -6.75 -14.33 27.50
CA THR B 261 -5.56 -14.98 27.00
C THR B 261 -5.89 -15.54 25.62
N LEU B 262 -4.85 -15.89 24.87
CA LEU B 262 -5.00 -16.47 23.56
C LEU B 262 -4.29 -17.82 23.44
N ASP B 263 -4.82 -18.68 22.57
CA ASP B 263 -4.12 -19.90 22.19
C ASP B 263 -3.92 -19.89 20.71
N PHE B 264 -2.81 -20.47 20.27
CA PHE B 264 -2.47 -20.52 18.86
C PHE B 264 -2.24 -21.96 18.44
N GLU B 265 -3.04 -22.43 17.48
CA GLU B 265 -2.84 -23.75 16.94
C GLU B 265 -2.30 -23.65 15.53
N THR B 266 -1.10 -24.17 15.36
CA THR B 266 -0.36 -24.07 14.11
C THR B 266 -0.47 -25.35 13.29
N GLU B 267 -0.64 -25.16 11.99
CA GLU B 267 -0.95 -26.22 11.05
C GLU B 267 -0.12 -26.00 9.79
N VAL B 268 0.66 -26.99 9.39
CA VAL B 268 1.39 -26.91 8.13
C VAL B 268 0.57 -27.60 7.06
N LEU B 269 0.17 -26.86 6.04
CA LEU B 269 -0.72 -27.38 5.02
C LEU B 269 -0.01 -27.67 3.70
N ASN B 270 -0.53 -28.65 2.98
CA ASN B 270 0.00 -29.07 1.69
C ASN B 270 -0.56 -28.26 0.53
N THR B 271 -0.53 -26.93 0.66
CA THR B 271 -0.87 -26.03 -0.43
C THR B 271 -0.05 -24.76 -0.28
N GLY B 272 0.28 -24.14 -1.40
CA GLY B 272 1.09 -22.92 -1.41
C GLY B 272 0.37 -21.72 -0.84
N ASP B 273 -0.96 -21.80 -0.79
CA ASP B 273 -1.74 -20.66 -0.34
C ASP B 273 -3.11 -21.09 0.17
N PHE B 274 -3.34 -20.86 1.46
CA PHE B 274 -4.58 -21.26 2.11
C PHE B 274 -5.72 -20.24 2.00
N GLN B 275 -5.41 -18.93 2.10
CA GLN B 275 -6.47 -17.93 2.12
C GLN B 275 -6.10 -16.62 1.35
N GLY B 276 -4.91 -16.57 0.77
CA GLY B 276 -4.56 -15.47 -0.13
C GLY B 276 -4.42 -14.12 0.53
N THR B 277 -4.19 -14.11 1.84
CA THR B 277 -4.10 -12.87 2.59
C THR B 277 -3.53 -13.15 3.98
N PRO B 278 -2.86 -12.15 4.61
CA PRO B 278 -2.19 -12.51 5.87
C PRO B 278 -3.16 -12.87 7.01
N VAL B 279 -4.27 -12.15 7.15
CA VAL B 279 -5.21 -12.37 8.26
C VAL B 279 -6.67 -12.40 7.83
N MET B 280 -7.36 -13.50 8.11
CA MET B 280 -8.79 -13.58 7.85
C MET B 280 -9.54 -13.58 9.16
N ASN B 281 -10.36 -12.57 9.41
CA ASN B 281 -11.20 -12.56 10.61
C ASN B 281 -12.40 -13.47 10.40
N TYR B 282 -12.78 -14.20 11.45
CA TYR B 282 -13.96 -15.06 11.37
C TYR B 282 -15.05 -14.51 12.27
N ASN B 283 -15.96 -13.78 11.64
CA ASN B 283 -16.96 -13.00 12.35
C ASN B 283 -18.21 -13.77 12.77
N ASP B 284 -18.32 -15.03 12.36
CA ASP B 284 -19.51 -15.84 12.67
C ASP B 284 -19.27 -16.77 13.86
N ALA B 285 -20.29 -16.91 14.69
CA ALA B 285 -20.22 -17.67 15.94
C ALA B 285 -19.88 -19.14 15.75
N GLU B 286 -20.27 -19.70 14.61
CA GLU B 286 -20.06 -21.11 14.31
C GLU B 286 -18.59 -21.51 14.20
N PHE B 287 -17.70 -20.55 13.97
CA PHE B 287 -16.27 -20.84 13.92
C PHE B 287 -15.69 -20.47 15.28
N PRO B 288 -15.01 -21.42 15.94
CA PRO B 288 -14.54 -21.21 17.30
C PRO B 288 -13.34 -20.26 17.39
N TYR B 289 -12.56 -20.13 16.33
CA TYR B 289 -11.41 -19.26 16.37
C TYR B 289 -11.82 -17.86 15.89
N THR B 290 -11.10 -16.82 16.33
CA THR B 290 -11.43 -15.45 15.93
C THR B 290 -10.85 -15.06 14.59
N ARG B 291 -9.67 -15.60 14.28
CA ARG B 291 -9.02 -15.29 13.01
C ARG B 291 -7.99 -16.33 12.64
N ILE B 292 -7.62 -16.32 11.36
CA ILE B 292 -6.57 -17.19 10.84
C ILE B 292 -5.43 -16.39 10.19
N HIS B 293 -4.21 -16.69 10.64
CA HIS B 293 -2.98 -16.09 10.16
C HIS B 293 -2.32 -17.01 9.18
N GLU B 294 -1.89 -16.46 8.04
CA GLU B 294 -1.07 -17.21 7.10
C GLU B 294 0.20 -16.40 6.88
N PHE B 295 1.25 -16.85 7.54
CA PHE B 295 2.43 -16.04 7.80
C PHE B 295 3.29 -15.74 6.59
N ARG B 296 3.27 -16.60 5.57
CA ARG B 296 4.04 -16.34 4.37
C ARG B 296 3.63 -14.98 3.73
N HIS B 297 2.39 -14.56 3.95
CA HIS B 297 1.89 -13.36 3.32
C HIS B 297 2.34 -12.12 4.07
N PHE B 298 2.99 -12.27 5.21
CA PHE B 298 3.50 -11.10 5.92
C PHE B 298 4.79 -10.62 5.27
N HIS B 299 5.41 -11.47 4.46
CA HIS B 299 6.68 -11.13 3.84
C HIS B 299 6.73 -11.53 2.38
N PRO B 300 5.93 -10.86 1.54
CA PRO B 300 5.93 -11.22 0.12
C PRO B 300 7.29 -10.96 -0.55
N GLU B 301 8.15 -10.17 0.09
CA GLU B 301 9.50 -9.92 -0.43
C GLU B 301 10.43 -11.12 -0.22
N ARG B 302 9.96 -12.11 0.55
CA ARG B 302 10.69 -13.36 0.77
C ARG B 302 10.10 -14.52 -0.04
N GLU B 303 9.30 -14.18 -1.04
CA GLU B 303 8.61 -15.16 -1.87
C GLU B 303 9.52 -16.30 -2.36
N ASP B 304 10.72 -15.94 -2.83
CA ASP B 304 11.64 -16.93 -3.41
C ASP B 304 12.15 -17.92 -2.38
N ARG B 305 12.10 -17.55 -1.11
CA ARG B 305 12.60 -18.41 -0.03
C ARG B 305 11.49 -19.18 0.70
N HIS B 306 10.24 -18.90 0.34
CA HIS B 306 9.10 -19.62 0.91
C HIS B 306 8.87 -20.88 0.07
N PRO B 307 8.35 -21.95 0.69
CA PRO B 307 8.07 -23.14 -0.12
C PRO B 307 6.96 -22.86 -1.10
N LYS B 308 7.00 -23.48 -2.27
CA LYS B 308 6.01 -23.17 -3.30
C LYS B 308 4.70 -23.91 -3.03
N ASP B 309 4.76 -25.02 -2.31
CA ASP B 309 3.53 -25.80 -2.10
C ASP B 309 3.20 -26.15 -0.65
N LYS B 310 3.71 -25.35 0.27
CA LYS B 310 3.37 -25.47 1.68
C LYS B 310 3.10 -24.10 2.24
N THR B 311 2.32 -24.05 3.31
CA THR B 311 2.14 -22.82 4.01
C THR B 311 1.84 -23.10 5.46
N VAL B 312 2.21 -22.18 6.34
CA VAL B 312 1.89 -22.36 7.73
C VAL B 312 0.76 -21.42 8.11
N ILE B 313 -0.31 -21.99 8.65
CA ILE B 313 -1.37 -21.15 9.17
C ILE B 313 -1.45 -21.32 10.66
N MET B 314 -2.19 -20.42 11.27
CA MET B 314 -2.37 -20.43 12.71
C MET B 314 -3.76 -19.96 13.02
N LYS B 315 -4.51 -20.78 13.74
CA LYS B 315 -5.84 -20.41 14.21
C LYS B 315 -5.75 -19.89 15.63
N GLU B 316 -6.42 -18.77 15.86
CA GLU B 316 -6.29 -18.02 17.08
C GLU B 316 -7.57 -18.12 17.87
N TYR B 317 -7.42 -18.52 19.13
CA TYR B 317 -8.53 -18.75 20.04
C TYR B 317 -8.44 -17.81 21.24
N SER B 318 -9.59 -17.37 21.73
CA SER B 318 -9.59 -16.52 22.89
C SER B 318 -10.33 -17.20 24.06
N ARG B 319 -9.81 -17.01 25.27
CA ARG B 319 -10.52 -17.42 26.48
C ARG B 319 -10.08 -16.56 27.68
N PHE B 320 -10.77 -16.72 28.82
CA PHE B 320 -10.38 -16.02 30.05
C PHE B 320 -9.01 -16.51 30.50
N ALA B 321 -8.22 -15.61 31.07
CA ALA B 321 -6.90 -16.00 31.54
C ALA B 321 -7.02 -16.83 32.81
N GLU B 322 -6.45 -18.03 32.79
CA GLU B 322 -6.40 -18.85 34.00
C GLU B 322 -4.99 -18.79 34.53
N GLU B 323 -4.80 -19.14 35.79
CA GLU B 323 -3.48 -19.03 36.38
C GLU B 323 -2.62 -20.05 35.65
N GLY B 324 -1.59 -19.58 34.94
CA GLY B 324 -0.77 -20.46 34.13
C GLY B 324 -0.80 -20.03 32.69
N ASP B 325 -1.68 -19.08 32.39
CA ASP B 325 -1.79 -18.49 31.06
C ASP B 325 -1.03 -17.18 31.06
N GLU B 326 -0.48 -16.78 29.93
CA GLU B 326 -0.02 -15.42 29.79
C GLU B 326 -1.19 -14.49 29.53
N PRO B 327 -1.36 -13.47 30.37
CA PRO B 327 -2.44 -12.53 30.06
C PRO B 327 -2.08 -11.65 28.85
N TYR B 328 -3.03 -11.49 27.95
CA TYR B 328 -2.76 -10.78 26.71
C TYR B 328 -3.54 -9.48 26.67
N TYR B 329 -4.75 -9.47 27.23
CA TYR B 329 -5.60 -8.30 27.17
C TYR B 329 -6.19 -7.99 28.55
N PRO B 330 -6.26 -6.71 28.93
CA PRO B 330 -7.08 -6.38 30.09
C PRO B 330 -8.55 -6.36 29.68
N ILE B 331 -9.48 -6.68 30.57
CA ILE B 331 -10.91 -6.75 30.21
C ILE B 331 -11.61 -5.45 30.57
N ASN B 332 -11.23 -4.88 31.71
CA ASN B 332 -11.63 -3.53 32.08
C ASN B 332 -13.12 -3.27 32.12
N THR B 333 -13.87 -4.26 32.60
CA THR B 333 -15.26 -4.04 32.96
C THR B 333 -15.28 -3.05 34.13
N PRO B 334 -16.44 -2.42 34.39
CA PRO B 334 -16.49 -1.53 35.57
C PRO B 334 -16.11 -2.27 36.85
N SER B 335 -16.58 -3.51 36.97
CA SER B 335 -16.22 -4.33 38.12
C SER B 335 -14.70 -4.49 38.23
N ASP B 336 -14.05 -4.70 37.10
CA ASP B 336 -12.58 -4.79 37.03
C ASP B 336 -11.92 -3.46 37.42
N ARG B 337 -12.46 -2.37 36.90
CA ARG B 337 -11.82 -1.06 37.03
C ARG B 337 -11.72 -0.60 38.48
N GLU B 338 -12.65 -1.04 39.32
CA GLU B 338 -12.55 -0.71 40.74
C GLU B 338 -11.33 -1.37 41.36
N MET B 339 -11.24 -2.68 41.21
CA MET B 339 -10.10 -3.44 41.70
C MET B 339 -8.82 -2.80 41.22
N LEU B 340 -8.85 -2.33 39.97
CA LEU B 340 -7.70 -1.67 39.37
C LEU B 340 -7.24 -0.46 40.17
N PHE B 341 -8.20 0.35 40.61
CA PHE B 341 -7.89 1.55 41.39
C PHE B 341 -7.13 1.21 42.68
N LYS B 342 -7.58 0.16 43.36
CA LYS B 342 -6.99 -0.26 44.62
C LYS B 342 -5.53 -0.67 44.45
N TYR B 343 -5.26 -1.34 43.33
CA TYR B 343 -3.90 -1.74 43.02
C TYR B 343 -3.05 -0.52 42.67
N ARG B 344 -3.66 0.48 42.03
CA ARG B 344 -2.95 1.71 41.71
C ARG B 344 -2.48 2.44 42.97
N GLU B 345 -3.31 2.42 44.01
CA GLU B 345 -2.91 3.00 45.28
C GLU B 345 -1.68 2.28 45.79
N LEU B 346 -1.82 0.95 45.89
CA LEU B 346 -0.72 0.09 46.29
C LEU B 346 0.51 0.36 45.42
N ALA B 347 0.30 0.39 44.11
CA ALA B 347 1.39 0.67 43.16
C ALA B 347 2.11 1.99 43.46
N ASP B 348 1.34 3.07 43.57
CA ASP B 348 1.88 4.38 43.93
C ASP B 348 2.72 4.27 45.20
N ALA B 349 2.12 3.69 46.23
CA ALA B 349 2.80 3.44 47.50
C ALA B 349 4.14 2.71 47.31
N GLU B 350 4.18 1.69 46.46
CA GLU B 350 5.40 0.91 46.29
C GLU B 350 6.52 1.71 45.60
N THR B 351 6.17 2.60 44.67
CA THR B 351 7.23 3.30 43.95
C THR B 351 8.03 4.24 44.86
N GLU B 352 7.40 4.90 45.82
CA GLU B 352 8.18 5.70 46.77
C GLU B 352 8.83 4.87 47.88
N SER B 353 8.05 4.01 48.53
CA SER B 353 8.60 3.15 49.59
C SER B 353 9.75 2.32 49.04
N GLY B 354 9.51 1.61 47.95
CA GLY B 354 10.49 0.67 47.44
C GLY B 354 11.15 0.98 46.09
N LYS B 355 10.94 2.18 45.54
CA LYS B 355 11.57 2.60 44.28
C LYS B 355 11.32 1.63 43.11
N VAL B 356 10.09 1.15 43.02
CA VAL B 356 9.68 0.24 41.96
C VAL B 356 8.62 0.90 41.08
N TYR B 357 8.90 1.02 39.79
CA TYR B 357 7.93 1.61 38.87
C TYR B 357 7.14 0.55 38.13
N PHE B 358 5.91 0.92 37.76
CA PHE B 358 5.00 0.00 37.10
C PHE B 358 4.69 0.44 35.69
N GLY B 359 5.15 -0.32 34.71
CA GLY B 359 4.94 0.05 33.33
C GLY B 359 4.54 -1.12 32.46
N GLY B 360 4.07 -0.79 31.26
CA GLY B 360 3.77 -1.79 30.27
C GLY B 360 2.34 -2.28 30.35
N ARG B 361 1.97 -3.08 29.38
CA ARG B 361 0.63 -3.62 29.30
C ARG B 361 0.19 -4.33 30.58
N LEU B 362 1.07 -5.17 31.12
CA LEU B 362 0.74 -5.97 32.28
C LEU B 362 0.90 -5.14 33.54
N GLY B 363 1.91 -4.28 33.53
CA GLY B 363 2.22 -3.46 34.68
C GLY B 363 1.16 -2.41 35.02
N THR B 364 0.43 -1.95 34.02
CA THR B 364 -0.60 -0.94 34.25
C THR B 364 -2.02 -1.39 33.89
N TYR B 365 -2.17 -2.65 33.45
CA TYR B 365 -3.48 -3.23 33.10
C TYR B 365 -4.13 -2.39 31.98
N GLN B 366 -3.36 -2.16 30.92
CA GLN B 366 -3.82 -1.31 29.82
C GLN B 366 -3.64 -1.99 28.47
N TYR B 367 -4.57 -1.73 27.55
CA TYR B 367 -4.60 -2.36 26.24
C TYR B 367 -3.63 -1.66 25.28
N LEU B 368 -2.34 -1.93 25.46
CA LEU B 368 -1.28 -1.23 24.72
C LEU B 368 -0.75 -1.96 23.48
N ASP B 369 -0.66 -1.25 22.36
CA ASP B 369 0.09 -1.74 21.19
C ASP B 369 1.59 -1.49 21.39
N MET B 370 2.41 -2.07 20.53
CA MET B 370 3.86 -1.95 20.63
C MET B 370 4.31 -0.48 20.69
N HIS B 371 3.84 0.32 19.74
CA HIS B 371 4.26 1.71 19.69
C HIS B 371 3.75 2.50 20.90
N MET B 372 2.61 2.08 21.44
CA MET B 372 2.10 2.68 22.67
C MET B 372 2.97 2.29 23.86
N ALA B 373 3.41 1.03 23.90
CA ALA B 373 4.33 0.58 24.96
C ALA B 373 5.64 1.37 24.92
N ILE B 374 6.17 1.55 23.71
CA ILE B 374 7.44 2.24 23.53
C ILE B 374 7.32 3.72 23.89
N ALA B 375 6.21 4.34 23.51
CA ALA B 375 5.98 5.76 23.83
C ALA B 375 5.85 5.93 25.34
N SER B 376 5.10 5.03 25.95
CA SER B 376 4.89 5.06 27.40
C SER B 376 6.22 4.81 28.12
N ALA B 377 7.09 4.01 27.51
CA ALA B 377 8.39 3.73 28.11
C ALA B 377 9.28 4.98 28.02
N LEU B 378 9.26 5.60 26.83
CA LEU B 378 10.00 6.82 26.59
C LEU B 378 9.57 7.93 27.56
N SER B 379 8.26 8.01 27.81
CA SER B 379 7.73 8.97 28.76
C SER B 379 8.26 8.72 30.16
N MET B 380 8.20 7.46 30.63
CA MET B 380 8.70 7.12 31.95
C MET B 380 10.18 7.46 32.10
N PHE B 381 10.97 7.15 31.07
CA PHE B 381 12.40 7.44 31.13
C PHE B 381 12.69 8.95 31.25
N ASP B 382 12.11 9.75 30.37
CA ASP B 382 12.30 11.21 30.37
C ASP B 382 11.77 11.86 31.65
N ASN B 383 10.59 11.44 32.09
CA ASN B 383 9.92 12.08 33.23
C ASN B 383 10.31 11.59 34.61
N LYS B 384 10.79 10.34 34.72
CA LYS B 384 11.04 9.74 36.03
C LYS B 384 12.46 9.21 36.23
N LEU B 385 12.97 8.48 35.24
CA LEU B 385 14.20 7.71 35.40
C LEU B 385 15.43 8.57 35.25
N VAL B 386 15.28 9.65 34.49
CA VAL B 386 16.34 10.64 34.36
C VAL B 386 16.68 11.21 35.73
N ASP B 387 15.64 11.56 36.51
CA ASP B 387 15.84 12.02 37.88
C ASP B 387 16.56 10.97 38.73
N ALA B 388 15.94 9.82 38.86
CA ALA B 388 16.46 8.75 39.71
C ALA B 388 17.69 8.03 39.13
N LEU B 389 18.69 8.80 38.68
CA LEU B 389 19.93 8.27 38.12
C LEU B 389 20.99 9.37 38.03
#